data_8RXR
#
_entry.id   8RXR
#
_cell.length_a   288.824
_cell.length_b   98.65
_cell.length_c   62.895
_cell.angle_alpha   90
_cell.angle_beta   92.266
_cell.angle_gamma   90
#
_symmetry.space_group_name_H-M   'C 1 2 1'
#
loop_
_entity.id
_entity.type
_entity.pdbx_description
1 polymer 'Phosphatidylinositol 3-kinase catalytic subunit type 3'
2 non-polymer 4-[(3R)-3-methylmorpholin-4-yl]-2-[(2R)-2-(trifluoromethyl)piperidin-1-yl]-3H-pyridin-6-one
3 non-polymer DI(HYDROXYETHYL)ETHER
4 non-polymer IMIDAZOLE
5 non-polymer 'DIMETHYL SULFOXIDE'
6 non-polymer GLYCEROL
7 water water
#
_entity_poly.entity_id   1
_entity_poly.type   'polypeptide(L)'
_entity_poly.pdbx_seq_one_letter_code
;SMSDHDLKPNAATRDQLNIIVSYPPTKQLTYEEQDLVWKFRYYLTNQEKALTKFLKCVNWDLPQEAKQALELLGKWKPMD
VEDSLELLSSHYTNPTVRRYAVARLRQADDEDLLMYLLQLVQALKYENFDDIKNGLEPTKKDSQSSVSENVSNSGINSAE
IDSSQIITSPLPSVSSPPPASKTKEVPDGENLEQDLCTFLISRACKNSTLANYLYWYVIVECEDQDTQQRDPKTHEMYLN
VMRRFSQALLKGDKSVRVMRSLLAAQQTFVDRLVHLMKAVQRESGNRKKKNERLQALLGDNEKMNLSDVELIPLPLEPQV
KIRGIIPETATLFKSALMPAQLFFKTEDGGKYPVIFKHGDDLRQDQLILQIISLMDKLLRKENLDLKLTPYKVLATSTKH
GFMQFIQSVPVAEVLDTEGSIQNFFRKYAPSENGPNGISAEVMDTYVKSCAGYCVITYILGVGDRHLDNLLLTKTGKLFH
IDFGYILGRDPKPLPPPMKLNKEMVEGMGGTQSEQYQEFRKQCYTAFLHLRRYSNLILNLFSLMVDANIPDIALEPDKTV
KKVQDKFRLDLSDEEAVHYMQSLIDESVHALFAAVVEQIH
;
_entity_poly.pdbx_strand_id   A,B
#
# COMPACT_ATOMS: atom_id res chain seq x y z
N SER A 1 -13.66 51.45 25.45
CA SER A 1 -15.03 51.73 25.95
C SER A 1 -15.95 52.14 24.80
N MET A 2 -15.43 52.87 23.81
CA MET A 2 -16.06 52.94 22.50
C MET A 2 -15.52 51.83 21.59
N SER A 3 -14.67 50.95 22.12
CA SER A 3 -13.99 49.92 21.36
C SER A 3 -14.85 48.66 21.25
N ASP A 4 -14.63 47.87 20.19
CA ASP A 4 -15.35 46.62 19.99
C ASP A 4 -14.55 45.44 20.53
N HIS A 5 -13.27 45.68 20.84
CA HIS A 5 -12.31 44.65 21.22
C HIS A 5 -12.86 43.75 22.31
N ASP A 6 -13.67 44.31 23.21
CA ASP A 6 -14.00 43.65 24.46
C ASP A 6 -15.49 43.40 24.61
N LEU A 7 -16.29 43.71 23.58
CA LEU A 7 -17.71 43.43 23.64
C LEU A 7 -17.93 41.96 23.93
N LYS A 8 -18.90 41.70 24.80
CA LYS A 8 -19.09 40.39 25.39
C LYS A 8 -20.58 40.09 25.40
N PRO A 9 -21.04 39.07 24.62
CA PRO A 9 -22.47 38.77 24.55
C PRO A 9 -22.96 38.13 25.84
N ASN A 10 -24.21 38.46 26.21
CA ASN A 10 -24.88 37.82 27.32
C ASN A 10 -25.31 36.40 26.91
N ALA A 11 -26.05 35.74 27.79
CA ALA A 11 -26.47 34.35 27.58
C ALA A 11 -27.40 34.25 26.36
N ALA A 12 -28.31 35.22 26.22
CA ALA A 12 -29.33 35.18 25.18
C ALA A 12 -28.72 35.48 23.80
N THR A 13 -27.71 36.35 23.78
CA THR A 13 -27.05 36.72 22.54
C THR A 13 -26.15 35.55 22.10
N ARG A 14 -25.50 34.88 23.05
CA ARG A 14 -24.64 33.74 22.76
C ARG A 14 -25.43 32.62 22.09
N ASP A 15 -26.66 32.38 22.57
CA ASP A 15 -27.51 31.33 22.04
C ASP A 15 -27.89 31.65 20.59
N GLN A 16 -28.07 32.95 20.28
CA GLN A 16 -28.46 33.36 18.94
C GLN A 16 -27.27 33.29 17.99
N LEU A 17 -26.07 33.55 18.50
CA LEU A 17 -24.84 33.42 17.73
C LEU A 17 -24.60 31.95 17.40
N ASN A 18 -24.85 31.07 18.37
CA ASN A 18 -24.62 29.64 18.20
C ASN A 18 -25.54 29.08 17.12
N ILE A 19 -26.77 29.60 17.05
CA ILE A 19 -27.71 29.25 16.00
C ILE A 19 -27.14 29.68 14.65
N ILE A 20 -26.72 30.95 14.53
CA ILE A 20 -26.20 31.50 13.29
C ILE A 20 -24.95 30.73 12.82
N VAL A 21 -24.04 30.41 13.75
CA VAL A 21 -22.80 29.75 13.43
C VAL A 21 -23.07 28.32 12.97
N SER A 22 -24.12 27.70 13.54
CA SER A 22 -24.44 26.32 13.24
C SER A 22 -25.27 26.20 11.95
N TYR A 23 -25.59 27.33 11.32
CA TYR A 23 -26.32 27.28 10.05
C TYR A 23 -25.50 26.51 9.02
N PRO A 24 -26.14 25.80 8.07
CA PRO A 24 -25.42 25.19 6.95
C PRO A 24 -24.81 26.28 6.07
N PRO A 25 -23.73 25.98 5.31
CA PRO A 25 -22.98 27.02 4.59
C PRO A 25 -23.76 27.76 3.51
N THR A 26 -24.94 27.23 3.15
CA THR A 26 -25.75 27.79 2.08
C THR A 26 -26.75 28.79 2.64
N LYS A 27 -26.89 28.88 3.97
CA LYS A 27 -27.94 29.71 4.55
C LYS A 27 -27.53 31.18 4.45
N GLN A 28 -28.41 31.98 3.84
CA GLN A 28 -28.20 33.41 3.69
C GLN A 28 -28.53 34.08 5.01
N LEU A 29 -27.60 34.90 5.53
CA LEU A 29 -27.78 35.63 6.78
C LEU A 29 -28.61 36.88 6.52
N THR A 30 -29.56 37.19 7.42
CA THR A 30 -30.27 38.47 7.36
C THR A 30 -29.31 39.60 7.72
N TYR A 31 -29.70 40.84 7.39
CA TYR A 31 -28.95 42.02 7.80
C TYR A 31 -28.80 42.05 9.32
N GLU A 32 -29.85 41.67 10.04
CA GLU A 32 -29.82 41.68 11.50
C GLU A 32 -28.72 40.73 11.98
N GLU A 33 -28.67 39.53 11.40
CA GLU A 33 -27.69 38.52 11.75
C GLU A 33 -26.27 38.98 11.41
N GLN A 34 -26.12 39.61 10.24
CA GLN A 34 -24.84 40.14 9.79
C GLN A 34 -24.31 41.18 10.77
N ASP A 35 -25.19 42.10 11.18
CA ASP A 35 -24.83 43.11 12.17
C ASP A 35 -24.40 42.43 13.47
N LEU A 36 -25.14 41.40 13.90
CA LEU A 36 -24.83 40.77 15.18
C LEU A 36 -23.45 40.12 15.13
N VAL A 37 -23.14 39.39 14.04
CA VAL A 37 -21.88 38.69 13.90
C VAL A 37 -20.74 39.72 13.92
N TRP A 38 -20.89 40.78 13.13
CA TRP A 38 -19.92 41.85 13.08
C TRP A 38 -19.67 42.43 14.48
N LYS A 39 -20.75 42.79 15.19
CA LYS A 39 -20.66 43.38 16.50
C LYS A 39 -19.78 42.54 17.43
N PHE A 40 -20.00 41.22 17.49
CA PHE A 40 -19.22 40.36 18.38
C PHE A 40 -18.13 39.60 17.61
N ARG A 41 -17.54 40.26 16.60
CA ARG A 41 -16.49 39.64 15.80
C ARG A 41 -15.30 39.23 16.69
N TYR A 42 -14.89 40.07 17.65
CA TYR A 42 -13.75 39.75 18.50
C TYR A 42 -14.08 38.54 19.36
N TYR A 43 -15.30 38.45 19.87
CA TYR A 43 -15.70 37.30 20.65
C TYR A 43 -15.65 36.02 19.82
N LEU A 44 -15.99 36.12 18.53
CA LEU A 44 -16.14 34.94 17.69
C LEU A 44 -14.80 34.38 17.21
N THR A 45 -13.70 35.13 17.36
CA THR A 45 -12.40 34.68 16.86
C THR A 45 -11.91 33.44 17.57
N ASN A 46 -12.56 33.04 18.68
CA ASN A 46 -12.24 31.80 19.38
C ASN A 46 -12.95 30.60 18.74
N GLN A 47 -13.81 30.85 17.75
CA GLN A 47 -14.60 29.80 17.13
C GLN A 47 -14.23 29.64 15.65
N GLU A 48 -13.52 28.54 15.32
CA GLU A 48 -13.11 28.26 13.95
C GLU A 48 -14.34 28.22 13.03
N LYS A 49 -15.47 27.69 13.53
CA LYS A 49 -16.66 27.52 12.72
C LYS A 49 -17.36 28.85 12.44
N ALA A 50 -17.02 29.94 13.15
CA ALA A 50 -17.71 31.21 12.95
C ALA A 50 -17.08 32.03 11.81
N LEU A 51 -15.90 31.63 11.32
CA LEU A 51 -15.18 32.43 10.35
C LEU A 51 -15.92 32.53 9.03
N THR A 52 -16.49 31.42 8.53
CA THR A 52 -17.24 31.49 7.28
C THR A 52 -18.43 32.46 7.45
N LYS A 53 -19.08 32.44 8.61
CA LYS A 53 -20.21 33.34 8.84
C LYS A 53 -19.72 34.79 8.88
N PHE A 54 -18.61 35.04 9.59
CA PHE A 54 -18.00 36.36 9.66
C PHE A 54 -17.76 36.92 8.26
N LEU A 55 -17.11 36.13 7.38
CA LEU A 55 -16.76 36.59 6.05
C LEU A 55 -18.00 36.89 5.22
N LYS A 56 -19.14 36.28 5.53
CA LYS A 56 -20.39 36.57 4.83
C LYS A 56 -20.99 37.89 5.30
N CYS A 57 -20.45 38.49 6.37
CA CYS A 57 -21.03 39.70 6.96
C CYS A 57 -20.32 40.97 6.55
N VAL A 58 -19.15 40.83 5.92
CA VAL A 58 -18.32 41.98 5.63
C VAL A 58 -18.91 42.73 4.43
N ASN A 59 -19.06 44.05 4.59
CA ASN A 59 -19.25 44.90 3.43
C ASN A 59 -17.88 45.17 2.82
N TRP A 60 -17.60 44.55 1.65
CA TRP A 60 -16.28 44.60 1.04
C TRP A 60 -16.06 45.93 0.34
N ASP A 61 -17.16 46.65 0.05
CA ASP A 61 -17.06 47.92 -0.65
C ASP A 61 -16.67 49.05 0.29
N LEU A 62 -16.80 48.86 1.61
CA LEU A 62 -16.33 49.82 2.60
C LEU A 62 -14.86 49.54 2.94
N PRO A 63 -13.88 50.33 2.40
CA PRO A 63 -12.47 50.07 2.64
C PRO A 63 -12.11 49.84 4.12
N GLN A 64 -12.81 50.55 5.00
CA GLN A 64 -12.59 50.44 6.43
C GLN A 64 -12.90 49.01 6.90
N GLU A 65 -14.09 48.53 6.55
CA GLU A 65 -14.54 47.21 6.97
C GLU A 65 -13.65 46.12 6.36
N ALA A 66 -13.32 46.29 5.07
CA ALA A 66 -12.55 45.28 4.35
C ALA A 66 -11.18 45.06 5.02
N LYS A 67 -10.49 46.15 5.40
CA LYS A 67 -9.19 46.06 6.03
C LYS A 67 -9.30 45.36 7.38
N GLN A 68 -10.30 45.74 8.17
CA GLN A 68 -10.44 45.17 9.50
C GLN A 68 -10.85 43.70 9.36
N ALA A 69 -11.66 43.39 8.33
CA ALA A 69 -12.05 42.02 8.05
C ALA A 69 -10.82 41.14 7.83
N LEU A 70 -9.88 41.62 7.00
CA LEU A 70 -8.64 40.89 6.72
C LEU A 70 -7.74 40.84 7.97
N GLU A 71 -7.76 41.87 8.82
CA GLU A 71 -7.03 41.81 10.09
C GLU A 71 -7.55 40.63 10.92
N LEU A 72 -8.88 40.56 11.05
CA LEU A 72 -9.51 39.52 11.85
C LEU A 72 -9.27 38.13 11.25
N LEU A 73 -9.33 38.02 9.92
CA LEU A 73 -9.06 36.76 9.24
C LEU A 73 -7.71 36.19 9.67
N GLY A 74 -6.68 37.05 9.68
CA GLY A 74 -5.34 36.66 10.12
C GLY A 74 -5.33 36.21 11.58
N LYS A 75 -6.19 36.81 12.41
CA LYS A 75 -6.20 36.56 13.85
C LYS A 75 -7.17 35.44 14.22
N TRP A 76 -8.09 35.10 13.32
CA TRP A 76 -9.09 34.10 13.66
C TRP A 76 -8.44 32.76 13.99
N LYS A 77 -9.04 32.02 14.91
CA LYS A 77 -8.68 30.63 15.10
C LYS A 77 -8.86 29.92 13.76
N PRO A 78 -7.85 29.17 13.27
CA PRO A 78 -7.80 28.74 11.87
C PRO A 78 -8.93 27.84 11.39
N MET A 79 -9.40 28.14 10.18
CA MET A 79 -10.49 27.45 9.53
C MET A 79 -10.08 26.01 9.16
N ASP A 80 -11.04 25.08 9.32
CA ASP A 80 -10.86 23.69 8.96
C ASP A 80 -10.93 23.54 7.43
N VAL A 81 -10.40 22.42 6.93
CA VAL A 81 -10.32 22.15 5.51
C VAL A 81 -11.71 22.17 4.87
N GLU A 82 -12.67 21.48 5.48
CA GLU A 82 -14.01 21.36 4.92
C GLU A 82 -14.60 22.74 4.66
N ASP A 83 -14.27 23.71 5.53
CA ASP A 83 -14.84 25.05 5.46
C ASP A 83 -14.11 25.90 4.41
N SER A 84 -12.80 25.64 4.22
CA SER A 84 -12.02 26.36 3.22
C SER A 84 -12.63 26.21 1.82
N LEU A 85 -13.39 25.11 1.60
CA LEU A 85 -13.98 24.83 0.30
C LEU A 85 -14.99 25.90 -0.04
N GLU A 86 -15.66 26.44 0.99
CA GLU A 86 -16.66 27.47 0.82
C GLU A 86 -16.00 28.73 0.26
N LEU A 87 -14.76 28.99 0.66
CA LEU A 87 -14.07 30.19 0.24
C LEU A 87 -13.59 30.11 -1.20
N LEU A 88 -13.70 28.93 -1.84
CA LEU A 88 -13.20 28.79 -3.19
C LEU A 88 -14.32 28.92 -4.22
N SER A 89 -15.57 29.11 -3.75
CA SER A 89 -16.74 29.25 -4.62
C SER A 89 -16.69 30.58 -5.37
N SER A 90 -17.67 30.78 -6.28
CA SER A 90 -17.78 32.02 -7.03
C SER A 90 -18.15 33.21 -6.13
N HIS A 91 -18.59 32.97 -4.90
CA HIS A 91 -18.95 34.08 -4.02
C HIS A 91 -17.74 34.93 -3.64
N TYR A 92 -16.56 34.32 -3.52
CA TYR A 92 -15.37 35.04 -3.07
C TYR A 92 -14.46 35.42 -4.24
N THR A 93 -14.23 36.73 -4.41
CA THR A 93 -13.22 37.22 -5.33
C THR A 93 -12.04 37.82 -4.57
N ASN A 94 -12.22 38.22 -3.29
CA ASN A 94 -11.16 38.88 -2.55
C ASN A 94 -9.89 38.05 -2.57
N PRO A 95 -8.77 38.53 -3.16
CA PRO A 95 -7.53 37.76 -3.27
C PRO A 95 -7.03 37.17 -1.95
N THR A 96 -7.09 37.95 -0.87
CA THR A 96 -6.54 37.52 0.40
C THR A 96 -7.37 36.35 0.93
N VAL A 97 -8.70 36.45 0.80
CA VAL A 97 -9.59 35.40 1.25
C VAL A 97 -9.33 34.11 0.46
N ARG A 98 -9.19 34.23 -0.87
CA ARG A 98 -8.99 33.06 -1.72
C ARG A 98 -7.66 32.39 -1.40
N ARG A 99 -6.63 33.19 -1.09
CA ARG A 99 -5.34 32.63 -0.72
C ARG A 99 -5.40 31.95 0.65
N TYR A 100 -6.22 32.51 1.55
CA TYR A 100 -6.44 31.94 2.88
C TYR A 100 -7.07 30.56 2.70
N ALA A 101 -8.02 30.44 1.77
CA ALA A 101 -8.64 29.16 1.48
C ALA A 101 -7.58 28.13 1.12
N VAL A 102 -6.64 28.52 0.25
CA VAL A 102 -5.58 27.61 -0.18
C VAL A 102 -4.68 27.26 1.01
N ALA A 103 -4.31 28.27 1.81
CA ALA A 103 -3.46 28.04 2.98
C ALA A 103 -4.07 27.00 3.90
N ARG A 104 -5.41 27.04 4.08
CA ARG A 104 -6.09 26.10 4.96
C ARG A 104 -6.27 24.76 4.25
N LEU A 105 -6.56 24.80 2.95
CA LEU A 105 -6.71 23.58 2.17
C LEU A 105 -5.41 22.78 2.18
N ARG A 106 -4.25 23.47 2.19
CA ARG A 106 -2.95 22.81 2.22
C ARG A 106 -2.80 21.86 3.40
N GLN A 107 -3.59 22.04 4.47
CA GLN A 107 -3.42 21.25 5.68
C GLN A 107 -3.91 19.82 5.44
N ALA A 108 -4.74 19.63 4.41
CA ALA A 108 -5.20 18.30 4.04
C ALA A 108 -4.00 17.48 3.57
N ASP A 109 -4.00 16.18 3.90
CA ASP A 109 -3.07 15.23 3.32
C ASP A 109 -3.52 14.92 1.88
N ASP A 110 -2.69 14.19 1.15
CA ASP A 110 -2.91 13.93 -0.27
C ASP A 110 -4.12 13.01 -0.46
N GLU A 111 -4.38 12.14 0.52
CA GLU A 111 -5.51 11.24 0.44
C GLU A 111 -6.80 12.07 0.37
N ASP A 112 -6.95 13.05 1.27
CA ASP A 112 -8.16 13.86 1.33
C ASP A 112 -8.24 14.78 0.12
N LEU A 113 -7.09 15.28 -0.32
CA LEU A 113 -7.05 16.25 -1.40
C LEU A 113 -7.54 15.58 -2.69
N LEU A 114 -7.22 14.30 -2.84
CA LEU A 114 -7.67 13.52 -3.98
C LEU A 114 -9.19 13.36 -3.95
N MET A 115 -9.79 13.20 -2.76
CA MET A 115 -11.23 13.05 -2.62
C MET A 115 -11.95 14.32 -3.09
N TYR A 116 -11.27 15.48 -3.09
CA TYR A 116 -11.87 16.76 -3.45
C TYR A 116 -11.39 17.30 -4.81
N LEU A 117 -10.42 16.64 -5.44
CA LEU A 117 -9.71 17.21 -6.59
C LEU A 117 -10.66 17.55 -7.73
N LEU A 118 -11.66 16.68 -7.99
CA LEU A 118 -12.58 16.89 -9.10
C LEU A 118 -13.26 18.26 -8.95
N GLN A 119 -13.73 18.56 -7.73
CA GLN A 119 -14.33 19.84 -7.41
C GLN A 119 -13.31 20.98 -7.47
N LEU A 120 -12.09 20.70 -6.98
CA LEU A 120 -11.07 21.73 -6.98
C LEU A 120 -10.71 22.17 -8.40
N VAL A 121 -10.78 21.26 -9.39
CA VAL A 121 -10.51 21.64 -10.77
C VAL A 121 -11.63 22.54 -11.30
N GLN A 122 -12.89 22.23 -10.93
CA GLN A 122 -13.99 23.13 -11.29
C GLN A 122 -13.76 24.52 -10.70
N ALA A 123 -13.23 24.56 -9.46
CA ALA A 123 -13.11 25.79 -8.71
C ALA A 123 -12.08 26.76 -9.32
N LEU A 124 -11.21 26.26 -10.20
CA LEU A 124 -10.27 27.12 -10.93
C LEU A 124 -11.04 28.15 -11.76
N LYS A 125 -12.28 27.81 -12.15
CA LYS A 125 -13.14 28.75 -12.84
C LYS A 125 -13.32 30.05 -12.05
N TYR A 126 -13.17 29.99 -10.72
CA TYR A 126 -13.46 31.13 -9.85
C TYR A 126 -12.18 31.85 -9.41
N GLU A 127 -11.04 31.46 -10.01
CA GLU A 127 -9.75 32.04 -9.69
C GLU A 127 -9.43 33.16 -10.68
N ASN A 128 -8.33 33.86 -10.42
CA ASN A 128 -7.88 34.97 -11.23
C ASN A 128 -7.16 34.45 -12.48
N PHE A 129 -7.81 34.62 -13.65
CA PHE A 129 -7.33 34.07 -14.90
C PHE A 129 -6.01 34.74 -15.33
N ASP A 130 -5.87 36.03 -15.02
CA ASP A 130 -4.68 36.77 -15.39
C ASP A 130 -3.48 36.20 -14.66
N ASP A 131 -3.64 35.93 -13.37
CA ASP A 131 -2.55 35.41 -12.57
C ASP A 131 -2.12 34.04 -13.10
N ILE A 132 -3.08 33.23 -13.55
CA ILE A 132 -2.74 31.90 -14.02
C ILE A 132 -1.90 32.01 -15.29
N LYS A 133 -2.31 32.90 -16.20
CA LYS A 133 -1.60 33.14 -17.45
C LYS A 133 -0.20 33.69 -17.20
N ASN A 134 -0.07 34.66 -16.26
CA ASN A 134 1.18 35.38 -16.02
C ASN A 134 2.23 34.53 -15.34
N GLY A 135 1.83 33.38 -14.79
CA GLY A 135 2.78 32.44 -14.21
C GLY A 135 3.54 31.64 -15.28
N LEU A 136 3.17 31.80 -16.56
CA LEU A 136 3.83 31.12 -17.67
C LEU A 136 5.12 31.85 -18.02
N GLU A 137 6.18 31.11 -18.36
CA GLU A 137 7.43 31.70 -18.82
C GLU A 137 7.13 32.62 -20.00
N PRO A 138 7.75 33.83 -20.07
CA PRO A 138 7.34 34.83 -21.07
C PRO A 138 7.95 34.59 -22.45
N GLU A 193 2.78 32.36 -0.90
CA GLU A 193 1.34 32.67 -1.05
C GLU A 193 0.84 32.17 -2.40
N GLN A 194 0.41 30.91 -2.43
CA GLN A 194 -0.06 30.27 -3.65
C GLN A 194 -1.55 30.53 -3.84
N ASP A 195 -1.94 30.76 -5.11
CA ASP A 195 -3.32 30.60 -5.56
C ASP A 195 -3.62 29.10 -5.73
N LEU A 196 -4.84 28.77 -6.19
CA LEU A 196 -5.27 27.38 -6.30
C LEU A 196 -4.45 26.63 -7.35
N CYS A 197 -4.20 27.28 -8.49
CA CYS A 197 -3.50 26.66 -9.62
C CYS A 197 -2.09 26.25 -9.20
N THR A 198 -1.41 27.16 -8.49
CA THR A 198 -0.03 26.96 -8.08
C THR A 198 -0.01 25.82 -7.07
N PHE A 199 -0.99 25.80 -6.17
CA PHE A 199 -1.00 24.83 -5.09
C PHE A 199 -1.21 23.42 -5.65
N LEU A 200 -2.19 23.26 -6.56
CA LEU A 200 -2.47 21.94 -7.10
C LEU A 200 -1.27 21.38 -7.88
N ILE A 201 -0.69 22.20 -8.75
CA ILE A 201 0.48 21.83 -9.52
C ILE A 201 1.62 21.44 -8.57
N SER A 202 1.83 22.24 -7.51
CA SER A 202 2.88 21.97 -6.54
C SER A 202 2.71 20.63 -5.84
N ARG A 203 1.48 20.26 -5.44
CA ARG A 203 1.27 18.96 -4.82
C ARG A 203 1.38 17.85 -5.86
N ALA A 204 0.97 18.13 -7.11
CA ALA A 204 1.02 17.13 -8.17
C ALA A 204 2.48 16.76 -8.48
N CYS A 205 3.36 17.77 -8.54
CA CYS A 205 4.78 17.54 -8.77
C CYS A 205 5.34 16.52 -7.79
N LYS A 206 4.73 16.38 -6.61
CA LYS A 206 5.29 15.54 -5.56
C LYS A 206 4.48 14.27 -5.35
N ASN A 207 3.41 14.05 -6.13
CA ASN A 207 2.54 12.91 -5.89
C ASN A 207 1.94 12.48 -7.21
N SER A 208 2.35 11.30 -7.68
CA SER A 208 2.09 10.88 -9.05
C SER A 208 0.62 10.51 -9.25
N THR A 209 -0.07 10.08 -8.17
CA THR A 209 -1.51 9.87 -8.22
C THR A 209 -2.22 11.19 -8.46
N LEU A 210 -1.92 12.20 -7.62
CA LEU A 210 -2.45 13.55 -7.80
C LEU A 210 -2.15 14.08 -9.20
N ALA A 211 -0.91 13.89 -9.67
CA ALA A 211 -0.53 14.36 -11.00
C ALA A 211 -1.41 13.70 -12.05
N ASN A 212 -1.67 12.41 -11.86
CA ASN A 212 -2.42 11.66 -12.85
C ASN A 212 -3.82 12.24 -13.01
N TYR A 213 -4.50 12.48 -11.90
CA TYR A 213 -5.90 12.91 -11.94
C TYR A 213 -5.96 14.38 -12.34
N LEU A 214 -4.97 15.18 -11.93
CA LEU A 214 -4.90 16.57 -12.34
C LEU A 214 -4.79 16.65 -13.87
N TYR A 215 -3.92 15.81 -14.45
CA TYR A 215 -3.75 15.79 -15.90
C TYR A 215 -5.10 15.52 -16.57
N TRP A 216 -5.76 14.44 -16.16
CA TRP A 216 -6.94 13.98 -16.88
C TRP A 216 -8.12 14.92 -16.66
N TYR A 217 -8.29 15.43 -15.43
CA TYR A 217 -9.39 16.33 -15.15
C TYR A 217 -9.23 17.60 -15.97
N VAL A 218 -7.98 18.08 -16.11
CA VAL A 218 -7.75 19.35 -16.80
C VAL A 218 -7.84 19.13 -18.31
N ILE A 219 -7.34 17.99 -18.82
CA ILE A 219 -7.37 17.76 -20.26
C ILE A 219 -8.83 17.67 -20.74
N VAL A 220 -9.71 17.07 -19.94
CA VAL A 220 -11.11 16.99 -20.34
C VAL A 220 -11.69 18.39 -20.45
N GLU A 221 -11.33 19.28 -19.50
CA GLU A 221 -11.75 20.67 -19.56
C GLU A 221 -11.19 21.36 -20.81
N CYS A 222 -9.94 21.03 -21.15
CA CYS A 222 -9.31 21.60 -22.33
C CYS A 222 -10.05 21.19 -23.61
N GLU A 223 -10.63 19.99 -23.63
CA GLU A 223 -11.26 19.47 -24.83
C GLU A 223 -12.78 19.71 -24.82
N ASP A 224 -13.27 20.52 -23.89
CA ASP A 224 -14.70 20.81 -23.83
C ASP A 224 -15.02 21.89 -24.85
N GLN A 225 -15.75 21.51 -25.91
CA GLN A 225 -16.07 22.42 -27.02
C GLN A 225 -17.22 23.34 -26.63
N ASP A 226 -18.04 22.91 -25.66
CA ASP A 226 -19.06 23.77 -25.09
C ASP A 226 -18.40 24.97 -24.40
N THR A 227 -17.45 24.72 -23.50
CA THR A 227 -16.71 25.78 -22.83
C THR A 227 -16.04 26.69 -23.86
N GLN A 228 -15.43 26.07 -24.86
CA GLN A 228 -14.69 26.79 -25.88
C GLN A 228 -15.60 27.78 -26.60
N GLN A 229 -16.84 27.38 -26.89
CA GLN A 229 -17.77 28.24 -27.62
C GLN A 229 -18.45 29.22 -26.69
N ARG A 230 -18.89 28.75 -25.51
CA ARG A 230 -19.74 29.53 -24.63
C ARG A 230 -18.95 30.45 -23.70
N ASP A 231 -17.78 29.98 -23.23
CA ASP A 231 -16.95 30.73 -22.30
C ASP A 231 -15.49 30.61 -22.70
N PRO A 232 -15.07 31.26 -23.80
CA PRO A 232 -13.69 31.13 -24.30
C PRO A 232 -12.58 31.49 -23.30
N LYS A 233 -12.84 32.45 -22.41
CA LYS A 233 -11.85 32.87 -21.44
C LYS A 233 -11.58 31.72 -20.44
N THR A 234 -12.64 30.98 -20.07
CA THR A 234 -12.51 29.85 -19.15
C THR A 234 -11.78 28.69 -19.83
N HIS A 235 -12.12 28.44 -21.10
CA HIS A 235 -11.41 27.46 -21.91
C HIS A 235 -9.91 27.82 -21.98
N GLU A 236 -9.62 29.10 -22.23
CA GLU A 236 -8.25 29.58 -22.31
C GLU A 236 -7.54 29.39 -20.97
N MET A 237 -8.25 29.60 -19.86
CA MET A 237 -7.69 29.43 -18.53
C MET A 237 -7.23 27.99 -18.31
N TYR A 238 -8.06 27.01 -18.71
CA TYR A 238 -7.71 25.61 -18.51
C TYR A 238 -6.52 25.23 -19.38
N LEU A 239 -6.44 25.77 -20.59
CA LEU A 239 -5.30 25.58 -21.48
C LEU A 239 -4.04 26.09 -20.77
N ASN A 240 -4.16 27.24 -20.09
CA ASN A 240 -3.06 27.81 -19.32
C ASN A 240 -2.70 26.95 -18.11
N VAL A 241 -3.69 26.32 -17.46
CA VAL A 241 -3.39 25.46 -16.33
C VAL A 241 -2.54 24.28 -16.81
N MET A 242 -2.94 23.68 -17.94
CA MET A 242 -2.23 22.55 -18.51
C MET A 242 -0.77 22.95 -18.81
N ARG A 243 -0.58 24.09 -19.48
CA ARG A 243 0.74 24.62 -19.79
C ARG A 243 1.53 24.91 -18.52
N ARG A 244 0.88 25.47 -17.50
CA ARG A 244 1.54 25.76 -16.24
C ARG A 244 2.00 24.46 -15.57
N PHE A 245 1.20 23.40 -15.73
CA PHE A 245 1.52 22.12 -15.13
C PHE A 245 2.71 21.48 -15.85
N SER A 246 2.68 21.50 -17.20
CA SER A 246 3.79 21.01 -18.01
C SER A 246 5.07 21.75 -17.66
N GLN A 247 5.02 23.09 -17.67
CA GLN A 247 6.16 23.93 -17.33
C GLN A 247 6.75 23.56 -15.97
N ALA A 248 5.90 23.35 -14.96
CA ALA A 248 6.38 23.02 -13.62
C ALA A 248 7.07 21.66 -13.61
N LEU A 249 6.47 20.67 -14.28
CA LEU A 249 7.05 19.34 -14.34
C LEU A 249 8.43 19.38 -15.02
N LEU A 250 8.61 20.28 -15.99
CA LEU A 250 9.84 20.33 -16.78
C LEU A 250 10.97 20.98 -15.98
N LYS A 251 10.63 21.77 -14.95
CA LYS A 251 11.61 22.35 -14.04
C LYS A 251 11.98 21.37 -12.94
N GLY A 252 11.28 20.22 -12.85
CA GLY A 252 11.55 19.26 -11.79
C GLY A 252 12.80 18.43 -12.05
N ASP A 253 13.06 17.48 -11.15
CA ASP A 253 14.19 16.56 -11.27
C ASP A 253 13.87 15.51 -12.33
N LYS A 254 14.79 14.54 -12.50
CA LYS A 254 14.67 13.54 -13.53
C LYS A 254 13.42 12.70 -13.31
N SER A 255 13.16 12.30 -12.06
CA SER A 255 12.00 11.47 -11.75
C SER A 255 10.70 12.17 -12.14
N VAL A 256 10.62 13.48 -11.92
CA VAL A 256 9.43 14.25 -12.25
C VAL A 256 9.29 14.40 -13.78
N ARG A 257 10.42 14.50 -14.48
CA ARG A 257 10.38 14.65 -15.93
C ARG A 257 9.89 13.33 -16.54
N VAL A 258 10.26 12.22 -15.91
CA VAL A 258 9.82 10.92 -16.35
C VAL A 258 8.31 10.79 -16.09
N MET A 259 7.86 11.18 -14.88
CA MET A 259 6.44 11.17 -14.56
C MET A 259 5.68 11.93 -15.64
N ARG A 260 6.20 13.09 -16.04
CA ARG A 260 5.60 13.87 -17.11
C ARG A 260 5.50 13.05 -18.40
N SER A 261 6.56 12.30 -18.73
CA SER A 261 6.58 11.62 -20.02
C SER A 261 5.58 10.46 -20.01
N LEU A 262 5.29 9.92 -18.82
CA LEU A 262 4.35 8.82 -18.64
C LEU A 262 2.90 9.33 -18.69
N LEU A 263 2.66 10.61 -18.38
CA LEU A 263 1.39 11.26 -18.67
C LEU A 263 1.17 11.28 -20.18
N ALA A 264 2.19 11.73 -20.91
CA ALA A 264 2.14 11.77 -22.37
C ALA A 264 1.88 10.39 -22.96
N ALA A 265 2.52 9.36 -22.39
CA ALA A 265 2.41 8.00 -22.87
C ALA A 265 0.99 7.46 -22.64
N GLN A 266 0.36 7.86 -21.52
CA GLN A 266 -1.03 7.51 -21.29
C GLN A 266 -1.93 8.15 -22.34
N GLN A 267 -1.66 9.42 -22.63
CA GLN A 267 -2.47 10.18 -23.56
C GLN A 267 -2.41 9.55 -24.96
N THR A 268 -1.21 9.16 -25.41
CA THR A 268 -1.11 8.55 -26.74
C THR A 268 -1.73 7.15 -26.69
N PHE A 269 -1.65 6.44 -25.56
CA PHE A 269 -2.31 5.15 -25.49
C PHE A 269 -3.82 5.32 -25.68
N VAL A 270 -4.39 6.32 -25.01
CA VAL A 270 -5.83 6.58 -25.12
C VAL A 270 -6.19 7.05 -26.53
N ASP A 271 -5.34 7.90 -27.12
CA ASP A 271 -5.52 8.35 -28.50
C ASP A 271 -5.67 7.16 -29.45
N ARG A 272 -4.83 6.15 -29.25
CA ARG A 272 -4.80 4.99 -30.14
C ARG A 272 -6.02 4.10 -29.90
N LEU A 273 -6.48 4.04 -28.64
CA LEU A 273 -7.69 3.32 -28.30
C LEU A 273 -8.91 3.99 -28.94
N VAL A 274 -8.91 5.32 -28.96
CA VAL A 274 -9.98 6.08 -29.61
C VAL A 274 -10.00 5.75 -31.10
N HIS A 275 -8.83 5.77 -31.73
CA HIS A 275 -8.69 5.43 -33.15
C HIS A 275 -9.26 4.03 -33.39
N LEU A 276 -8.90 3.08 -32.53
CA LEU A 276 -9.36 1.71 -32.65
C LEU A 276 -10.89 1.64 -32.56
N MET A 277 -11.49 2.33 -31.59
CA MET A 277 -12.92 2.25 -31.39
C MET A 277 -13.65 2.87 -32.58
N LYS A 278 -13.11 3.95 -33.17
CA LYS A 278 -13.71 4.55 -34.37
C LYS A 278 -13.75 3.52 -35.50
N ALA A 279 -12.65 2.77 -35.69
CA ALA A 279 -12.58 1.76 -36.72
C ALA A 279 -13.57 0.64 -36.45
N VAL A 280 -13.73 0.23 -35.19
CA VAL A 280 -14.64 -0.86 -34.86
C VAL A 280 -16.10 -0.42 -35.00
N GLN A 281 -16.42 0.79 -34.52
CA GLN A 281 -17.78 1.29 -34.50
C GLN A 281 -18.24 1.56 -35.94
N ARG A 282 -17.30 1.78 -36.87
CA ARG A 282 -17.59 2.08 -38.26
C ARG A 282 -17.74 0.81 -39.11
N GLU A 283 -17.24 -0.32 -38.61
CA GLU A 283 -17.36 -1.61 -39.27
C GLU A 283 -18.83 -1.89 -39.62
N SER A 284 -19.02 -2.50 -40.79
CA SER A 284 -20.33 -2.60 -41.43
C SER A 284 -21.13 -3.75 -40.85
N GLY A 285 -20.44 -4.76 -40.30
CA GLY A 285 -21.02 -6.05 -40.02
C GLY A 285 -21.68 -6.15 -38.64
N ASN A 286 -22.04 -7.39 -38.30
CA ASN A 286 -22.77 -7.70 -37.08
C ASN A 286 -21.80 -7.62 -35.90
N ARG A 287 -22.30 -7.93 -34.71
CA ARG A 287 -21.51 -7.72 -33.50
C ARG A 287 -20.31 -8.67 -33.50
N LYS A 288 -20.51 -9.91 -33.95
CA LYS A 288 -19.42 -10.87 -34.04
C LYS A 288 -18.31 -10.34 -34.96
N LYS A 289 -18.67 -9.70 -36.08
CA LYS A 289 -17.68 -9.13 -36.97
C LYS A 289 -16.96 -7.96 -36.30
N LYS A 290 -17.71 -7.12 -35.59
CA LYS A 290 -17.11 -5.99 -34.88
C LYS A 290 -16.13 -6.50 -33.82
N ASN A 291 -16.50 -7.56 -33.09
CA ASN A 291 -15.65 -8.19 -32.09
C ASN A 291 -14.36 -8.73 -32.70
N GLU A 292 -14.47 -9.33 -33.90
CA GLU A 292 -13.30 -9.88 -34.58
C GLU A 292 -12.35 -8.76 -34.97
N ARG A 293 -12.91 -7.66 -35.46
CA ARG A 293 -12.12 -6.52 -35.87
C ARG A 293 -11.49 -5.85 -34.64
N LEU A 294 -12.25 -5.74 -33.54
CA LEU A 294 -11.72 -5.22 -32.28
C LEU A 294 -10.50 -6.05 -31.85
N GLN A 295 -10.63 -7.38 -31.94
CA GLN A 295 -9.59 -8.27 -31.46
C GLN A 295 -8.37 -8.22 -32.37
N ALA A 296 -8.60 -8.15 -33.69
CA ALA A 296 -7.50 -8.16 -34.65
C ALA A 296 -6.68 -6.90 -34.51
N LEU A 297 -7.35 -5.75 -34.37
CA LEU A 297 -6.65 -4.49 -34.22
C LEU A 297 -5.86 -4.46 -32.91
N LEU A 298 -6.45 -4.93 -31.82
CA LEU A 298 -5.75 -5.01 -30.55
C LEU A 298 -4.52 -5.92 -30.70
N GLY A 299 -4.69 -7.03 -31.44
CA GLY A 299 -3.65 -8.04 -31.57
C GLY A 299 -2.46 -7.56 -32.39
N ASP A 300 -2.65 -6.51 -33.18
CA ASP A 300 -1.62 -6.01 -34.08
C ASP A 300 -0.87 -4.86 -33.41
N ASN A 301 0.16 -5.24 -32.64
CA ASN A 301 0.89 -4.30 -31.81
C ASN A 301 1.75 -3.36 -32.66
N GLU A 302 2.22 -3.88 -33.80
CA GLU A 302 2.98 -3.08 -34.73
C GLU A 302 2.13 -1.92 -35.23
N LYS A 303 0.85 -2.20 -35.51
CA LYS A 303 -0.03 -1.18 -36.04
C LYS A 303 -0.53 -0.25 -34.92
N MET A 304 -1.12 -0.83 -33.85
CA MET A 304 -1.89 -0.04 -32.89
C MET A 304 -1.17 0.15 -31.56
N ASN A 305 -0.14 -0.65 -31.25
CA ASN A 305 0.62 -0.50 -30.01
C ASN A 305 -0.32 -0.45 -28.81
N LEU A 306 -1.19 -1.47 -28.70
CA LEU A 306 -2.13 -1.53 -27.60
C LEU A 306 -1.99 -2.84 -26.83
N SER A 307 -1.38 -3.87 -27.43
CA SER A 307 -1.33 -5.17 -26.77
C SER A 307 -0.11 -5.27 -25.87
N ASP A 308 0.99 -4.58 -26.21
CA ASP A 308 2.22 -4.66 -25.43
C ASP A 308 2.94 -3.33 -25.49
N VAL A 309 2.96 -2.64 -24.35
CA VAL A 309 3.56 -1.32 -24.22
C VAL A 309 4.45 -1.35 -22.99
N GLU A 310 5.33 -0.35 -22.86
CA GLU A 310 6.08 -0.16 -21.64
C GLU A 310 5.13 0.28 -20.52
N LEU A 311 5.42 -0.18 -19.30
CA LEU A 311 4.59 0.08 -18.14
C LEU A 311 4.15 1.54 -18.10
N ILE A 312 2.83 1.77 -18.11
CA ILE A 312 2.29 3.09 -17.86
C ILE A 312 1.25 2.97 -16.77
N PRO A 313 0.94 4.08 -16.05
CA PRO A 313 -0.16 4.07 -15.09
C PRO A 313 -1.47 3.82 -15.83
N LEU A 314 -2.34 2.97 -15.26
CA LEU A 314 -3.70 2.88 -15.76
C LEU A 314 -4.43 4.19 -15.47
N PRO A 315 -4.89 4.98 -16.47
CA PRO A 315 -5.53 6.27 -16.18
C PRO A 315 -6.65 6.19 -15.13
N LEU A 316 -7.41 5.09 -15.20
CA LEU A 316 -8.54 4.84 -14.33
C LEU A 316 -8.09 4.64 -12.87
N GLU A 317 -6.90 4.07 -12.68
CA GLU A 317 -6.37 3.80 -11.35
C GLU A 317 -4.84 3.83 -11.44
N PRO A 318 -4.22 5.01 -11.33
CA PRO A 318 -2.80 5.16 -11.70
C PRO A 318 -1.79 4.38 -10.87
N GLN A 319 -2.20 3.90 -9.69
CA GLN A 319 -1.40 3.04 -8.83
CA GLN A 319 -1.31 3.07 -8.88
C GLN A 319 -1.17 1.68 -9.49
N VAL A 320 -2.08 1.33 -10.41
CA VAL A 320 -1.98 0.08 -11.14
C VAL A 320 -1.26 0.38 -12.45
N LYS A 321 -0.16 -0.34 -12.70
CA LYS A 321 0.63 -0.13 -13.88
C LYS A 321 0.24 -1.20 -14.89
N ILE A 322 0.19 -0.84 -16.17
CA ILE A 322 -0.30 -1.77 -17.19
C ILE A 322 0.68 -1.81 -18.35
N ARG A 323 0.66 -2.93 -19.07
CA ARG A 323 1.56 -3.14 -20.18
C ARG A 323 0.78 -3.49 -21.45
N GLY A 324 -0.53 -3.18 -21.46
CA GLY A 324 -1.34 -3.27 -22.66
C GLY A 324 -2.69 -3.94 -22.39
N ILE A 325 -3.38 -4.28 -23.48
CA ILE A 325 -4.70 -4.89 -23.43
C ILE A 325 -4.61 -6.29 -24.02
N ILE A 326 -5.29 -7.24 -23.37
CA ILE A 326 -5.36 -8.60 -23.89
C ILE A 326 -6.28 -8.59 -25.11
N PRO A 327 -5.76 -8.96 -26.31
CA PRO A 327 -6.58 -8.93 -27.52
C PRO A 327 -7.79 -9.87 -27.54
N GLU A 328 -7.64 -11.10 -27.03
CA GLU A 328 -8.56 -12.17 -27.39
C GLU A 328 -9.81 -12.17 -26.51
N THR A 329 -9.83 -11.41 -25.41
CA THR A 329 -10.99 -11.38 -24.52
C THR A 329 -11.73 -10.05 -24.62
N ALA A 330 -11.39 -9.21 -25.61
CA ALA A 330 -12.05 -7.92 -25.80
C ALA A 330 -13.33 -8.10 -26.62
N THR A 331 -14.46 -7.59 -26.09
CA THR A 331 -15.72 -7.68 -26.81
C THR A 331 -16.51 -6.39 -26.58
N LEU A 332 -17.49 -6.16 -27.45
CA LEU A 332 -18.43 -5.07 -27.31
C LEU A 332 -19.63 -5.52 -26.49
N PHE A 333 -20.17 -4.58 -25.70
CA PHE A 333 -21.45 -4.77 -25.04
C PHE A 333 -22.55 -4.65 -26.10
N LYS A 334 -23.65 -5.38 -25.84
CA LYS A 334 -24.80 -5.38 -26.71
C LYS A 334 -25.70 -4.22 -26.33
N SER A 335 -25.22 -3.00 -26.56
CA SER A 335 -26.01 -1.81 -26.33
C SER A 335 -25.70 -0.81 -27.44
N ALA A 336 -26.57 0.19 -27.58
CA ALA A 336 -26.65 0.99 -28.78
C ALA A 336 -25.31 1.64 -29.11
N LEU A 337 -24.56 2.08 -28.10
CA LEU A 337 -23.35 2.87 -28.31
C LEU A 337 -22.07 2.01 -28.33
N MET A 338 -22.21 0.69 -28.25
N MET A 338 -22.24 0.69 -28.22
CA MET A 338 -21.11 -0.22 -28.56
CA MET A 338 -21.19 -0.29 -28.46
C MET A 338 -19.89 0.06 -27.68
C MET A 338 -19.92 0.06 -27.68
N PRO A 339 -19.98 0.18 -26.33
CA PRO A 339 -18.79 0.31 -25.52
C PRO A 339 -18.08 -1.04 -25.51
N ALA A 340 -16.78 -1.04 -25.20
CA ALA A 340 -16.00 -2.26 -25.19
C ALA A 340 -15.70 -2.69 -23.75
N GLN A 341 -15.68 -4.00 -23.53
CA GLN A 341 -15.04 -4.55 -22.36
C GLN A 341 -13.62 -4.96 -22.72
N LEU A 342 -12.64 -4.39 -22.00
CA LEU A 342 -11.21 -4.62 -22.23
C LEU A 342 -10.54 -5.09 -20.94
N PHE A 343 -9.75 -6.16 -21.02
CA PHE A 343 -8.90 -6.59 -19.92
C PHE A 343 -7.47 -6.05 -20.08
N PHE A 344 -7.03 -5.22 -19.13
CA PHE A 344 -5.68 -4.70 -19.09
C PHE A 344 -4.74 -5.74 -18.46
N LYS A 345 -3.52 -5.82 -19.00
CA LYS A 345 -2.42 -6.59 -18.42
C LYS A 345 -1.72 -5.75 -17.35
N THR A 346 -1.79 -6.18 -16.08
CA THR A 346 -1.17 -5.43 -14.99
C THR A 346 0.27 -5.90 -14.80
N GLU A 347 1.05 -5.06 -14.10
CA GLU A 347 2.46 -5.30 -13.88
C GLU A 347 2.72 -6.69 -13.30
N ASP A 348 1.94 -7.09 -12.30
CA ASP A 348 2.19 -8.35 -11.61
C ASP A 348 1.68 -9.54 -12.40
N GLY A 349 1.35 -9.36 -13.68
CA GLY A 349 0.84 -10.45 -14.51
C GLY A 349 -0.65 -10.72 -14.32
N GLY A 350 -1.36 -9.89 -13.54
CA GLY A 350 -2.80 -10.03 -13.37
C GLY A 350 -3.57 -9.27 -14.45
N LYS A 351 -4.89 -9.12 -14.25
CA LYS A 351 -5.69 -8.40 -15.23
C LYS A 351 -6.78 -7.59 -14.53
N TYR A 352 -7.12 -6.48 -15.19
CA TYR A 352 -8.01 -5.48 -14.65
C TYR A 352 -9.02 -5.14 -15.74
N PRO A 353 -10.26 -5.68 -15.66
CA PRO A 353 -11.28 -5.38 -16.67
C PRO A 353 -11.85 -3.97 -16.54
N VAL A 354 -12.12 -3.37 -17.70
CA VAL A 354 -12.72 -2.05 -17.75
C VAL A 354 -13.83 -2.05 -18.80
N ILE A 355 -14.62 -1.00 -18.76
CA ILE A 355 -15.46 -0.59 -19.88
C ILE A 355 -14.83 0.66 -20.46
N PHE A 356 -14.62 0.65 -21.78
CA PHE A 356 -14.20 1.85 -22.47
C PHE A 356 -15.36 2.31 -23.34
N LYS A 357 -15.93 3.46 -22.97
CA LYS A 357 -17.02 4.04 -23.72
C LYS A 357 -16.46 5.04 -24.73
N HIS A 358 -17.00 5.03 -25.94
CA HIS A 358 -16.65 5.99 -26.97
C HIS A 358 -17.95 6.49 -27.62
N GLY A 359 -18.06 7.82 -27.76
CA GLY A 359 -19.28 8.46 -28.25
C GLY A 359 -20.32 8.59 -27.13
N ASP A 360 -19.86 8.80 -25.89
CA ASP A 360 -20.71 8.84 -24.71
C ASP A 360 -20.02 9.71 -23.66
N ASP A 361 -20.79 10.56 -22.97
CA ASP A 361 -20.23 11.48 -22.00
C ASP A 361 -20.36 10.86 -20.60
N LEU A 362 -19.22 10.58 -19.96
CA LEU A 362 -19.21 9.84 -18.70
C LEU A 362 -19.26 10.78 -17.50
N ARG A 363 -19.31 12.10 -17.71
CA ARG A 363 -18.95 13.03 -16.64
C ARG A 363 -19.94 13.02 -15.49
N GLN A 364 -21.25 12.81 -15.75
CA GLN A 364 -22.24 12.72 -14.69
C GLN A 364 -21.97 11.47 -13.84
N ASP A 365 -21.68 10.32 -14.49
CA ASP A 365 -21.32 9.10 -13.80
C ASP A 365 -20.02 9.27 -13.02
N GLN A 366 -19.08 10.03 -13.59
CA GLN A 366 -17.83 10.33 -12.92
C GLN A 366 -18.08 11.09 -11.61
N LEU A 367 -18.92 12.13 -11.64
CA LEU A 367 -19.22 12.90 -10.45
C LEU A 367 -19.84 11.99 -9.39
N ILE A 368 -20.87 11.25 -9.79
CA ILE A 368 -21.62 10.45 -8.84
C ILE A 368 -20.73 9.37 -8.22
N LEU A 369 -19.90 8.68 -9.02
CA LEU A 369 -19.03 7.65 -8.44
C LEU A 369 -17.97 8.27 -7.51
N GLN A 370 -17.59 9.52 -7.78
CA GLN A 370 -16.64 10.24 -6.93
C GLN A 370 -17.29 10.67 -5.61
N ILE A 371 -18.59 10.95 -5.63
CA ILE A 371 -19.32 11.30 -4.42
C ILE A 371 -19.58 10.03 -3.61
N ILE A 372 -19.89 8.93 -4.30
CA ILE A 372 -20.14 7.66 -3.62
C ILE A 372 -18.85 7.21 -2.94
N SER A 373 -17.73 7.42 -3.62
CA SER A 373 -16.42 7.10 -3.06
C SER A 373 -16.20 7.91 -1.77
N LEU A 374 -16.44 9.22 -1.85
CA LEU A 374 -16.35 10.12 -0.71
C LEU A 374 -17.22 9.59 0.43
N MET A 375 -18.48 9.31 0.12
CA MET A 375 -19.45 8.90 1.13
C MET A 375 -19.01 7.61 1.79
N ASP A 376 -18.50 6.65 1.01
CA ASP A 376 -18.00 5.41 1.57
C ASP A 376 -16.83 5.70 2.51
N LYS A 377 -15.96 6.64 2.13
CA LYS A 377 -14.78 6.94 2.95
C LYS A 377 -15.22 7.54 4.28
N LEU A 378 -16.21 8.44 4.25
CA LEU A 378 -16.70 9.09 5.45
C LEU A 378 -17.36 8.07 6.37
N LEU A 379 -18.15 7.15 5.81
CA LEU A 379 -18.75 6.10 6.60
C LEU A 379 -17.67 5.24 7.25
N ARG A 380 -16.66 4.84 6.47
CA ARG A 380 -15.54 4.06 7.00
C ARG A 380 -14.80 4.83 8.09
N LYS A 381 -14.67 6.16 7.92
CA LYS A 381 -14.02 7.00 8.91
C LYS A 381 -14.75 6.89 10.25
N GLU A 382 -16.07 6.66 10.22
CA GLU A 382 -16.87 6.50 11.42
C GLU A 382 -17.07 5.02 11.79
N ASN A 383 -16.13 4.17 11.36
CA ASN A 383 -16.14 2.74 11.64
C ASN A 383 -17.39 2.04 11.09
N LEU A 384 -17.94 2.51 9.96
CA LEU A 384 -19.06 1.81 9.33
C LEU A 384 -18.69 1.41 7.90
N ASP A 385 -18.46 0.10 7.70
CA ASP A 385 -18.18 -0.45 6.38
C ASP A 385 -19.42 -1.17 5.86
N LEU A 386 -20.15 -0.55 4.92
CA LEU A 386 -21.39 -1.12 4.42
C LEU A 386 -21.19 -1.88 3.11
N LYS A 387 -19.97 -2.33 2.82
CA LYS A 387 -19.66 -3.21 1.70
C LYS A 387 -20.14 -2.58 0.40
N LEU A 388 -19.80 -1.30 0.19
CA LEU A 388 -20.22 -0.57 -0.98
C LEU A 388 -19.27 -0.89 -2.14
N THR A 389 -19.68 -0.52 -3.36
CA THR A 389 -18.88 -0.73 -4.55
C THR A 389 -18.74 0.62 -5.29
N PRO A 390 -17.82 1.49 -4.83
CA PRO A 390 -17.52 2.72 -5.55
C PRO A 390 -16.50 2.42 -6.65
N TYR A 391 -16.98 1.79 -7.72
CA TYR A 391 -16.14 1.45 -8.86
C TYR A 391 -15.63 2.75 -9.48
N LYS A 392 -14.42 2.72 -10.05
CA LYS A 392 -13.82 3.93 -10.59
C LYS A 392 -14.45 4.29 -11.93
N VAL A 393 -14.55 5.60 -12.19
CA VAL A 393 -14.97 6.14 -13.48
C VAL A 393 -14.07 7.33 -13.80
N LEU A 394 -13.51 7.36 -15.01
CA LEU A 394 -12.66 8.47 -15.44
C LEU A 394 -12.95 8.83 -16.90
N ALA A 395 -13.39 10.07 -17.09
CA ALA A 395 -13.51 10.64 -18.42
C ALA A 395 -12.12 10.98 -18.94
N THR A 396 -11.79 10.50 -20.15
CA THR A 396 -10.57 10.87 -20.85
C THR A 396 -10.86 11.95 -21.90
N SER A 397 -12.14 12.27 -22.08
CA SER A 397 -12.60 13.36 -22.92
C SER A 397 -14.07 13.64 -22.62
N THR A 398 -14.70 14.58 -23.33
CA THR A 398 -16.12 14.80 -23.14
C THR A 398 -16.92 13.66 -23.79
N LYS A 399 -16.26 12.81 -24.57
CA LYS A 399 -16.94 11.81 -25.38
C LYS A 399 -16.38 10.41 -25.22
N HIS A 400 -15.46 10.20 -24.28
CA HIS A 400 -14.99 8.84 -24.02
C HIS A 400 -14.40 8.74 -22.62
N GLY A 401 -14.23 7.50 -22.15
CA GLY A 401 -13.73 7.29 -20.81
C GLY A 401 -13.82 5.84 -20.37
N PHE A 402 -13.32 5.63 -19.16
CA PHE A 402 -13.14 4.31 -18.59
C PHE A 402 -14.04 4.14 -17.36
N MET A 403 -14.47 2.89 -17.15
CA MET A 403 -15.10 2.49 -15.90
C MET A 403 -14.49 1.18 -15.44
N GLN A 404 -14.37 1.04 -14.12
CA GLN A 404 -13.87 -0.18 -13.54
C GLN A 404 -14.97 -1.22 -13.54
N PHE A 405 -14.70 -2.36 -14.16
CA PHE A 405 -15.68 -3.41 -14.33
C PHE A 405 -15.63 -4.34 -13.12
N ILE A 406 -16.78 -4.51 -12.46
CA ILE A 406 -16.91 -5.32 -11.26
C ILE A 406 -17.65 -6.60 -11.60
N GLN A 407 -17.05 -7.74 -11.31
CA GLN A 407 -17.74 -9.01 -11.53
C GLN A 407 -19.03 -9.00 -10.72
N SER A 408 -20.13 -9.34 -11.40
CA SER A 408 -21.46 -9.08 -10.86
C SER A 408 -22.49 -9.63 -11.83
N VAL A 409 -23.75 -9.60 -11.40
CA VAL A 409 -24.89 -10.02 -12.21
C VAL A 409 -26.01 -9.02 -11.99
N PRO A 410 -26.65 -8.47 -13.05
CA PRO A 410 -27.81 -7.62 -12.85
C PRO A 410 -28.96 -8.38 -12.20
N VAL A 411 -29.73 -7.71 -11.33
CA VAL A 411 -30.78 -8.38 -10.60
C VAL A 411 -31.83 -8.92 -11.57
N ALA A 412 -32.08 -8.22 -12.70
CA ALA A 412 -32.95 -8.70 -13.75
C ALA A 412 -32.57 -10.11 -14.21
N GLU A 413 -31.28 -10.32 -14.48
CA GLU A 413 -30.80 -11.62 -14.91
C GLU A 413 -30.88 -12.65 -13.78
N VAL A 414 -30.67 -12.21 -12.53
CA VAL A 414 -30.84 -13.11 -11.39
C VAL A 414 -32.26 -13.65 -11.36
N LEU A 415 -33.26 -12.77 -11.55
CA LEU A 415 -34.64 -13.21 -11.53
C LEU A 415 -34.88 -14.19 -12.68
N ASP A 416 -34.31 -13.89 -13.84
CA ASP A 416 -34.53 -14.66 -15.04
C ASP A 416 -33.96 -16.07 -14.92
N THR A 417 -32.77 -16.19 -14.32
CA THR A 417 -32.03 -17.44 -14.29
C THR A 417 -32.29 -18.22 -13.01
N GLU A 418 -32.69 -17.53 -11.93
CA GLU A 418 -32.77 -18.19 -10.62
C GLU A 418 -34.10 -17.93 -9.91
N GLY A 419 -34.85 -16.89 -10.32
CA GLY A 419 -36.20 -16.66 -9.83
C GLY A 419 -36.26 -15.64 -8.69
N SER A 420 -35.19 -15.51 -7.91
CA SER A 420 -35.16 -14.56 -6.80
C SER A 420 -33.73 -14.39 -6.31
N ILE A 421 -33.50 -13.28 -5.59
CA ILE A 421 -32.19 -13.00 -5.02
C ILE A 421 -31.81 -14.11 -4.03
N GLN A 422 -32.78 -14.57 -3.22
CA GLN A 422 -32.51 -15.61 -2.23
C GLN A 422 -32.14 -16.92 -2.90
N ASN A 423 -32.84 -17.29 -3.99
CA ASN A 423 -32.46 -18.48 -4.73
C ASN A 423 -31.01 -18.34 -5.20
N PHE A 424 -30.67 -17.15 -5.69
CA PHE A 424 -29.32 -16.91 -6.19
C PHE A 424 -28.31 -17.23 -5.08
N PHE A 425 -28.54 -16.67 -3.89
CA PHE A 425 -27.61 -16.78 -2.79
C PHE A 425 -27.53 -18.22 -2.29
N ARG A 426 -28.68 -18.88 -2.17
CA ARG A 426 -28.70 -20.28 -1.77
C ARG A 426 -27.92 -21.14 -2.76
N LYS A 427 -27.96 -20.79 -4.05
CA LYS A 427 -27.20 -21.54 -5.03
C LYS A 427 -25.70 -21.34 -4.81
N TYR A 428 -25.25 -20.08 -4.66
CA TYR A 428 -23.82 -19.79 -4.70
C TYR A 428 -23.22 -19.67 -3.30
N ALA A 429 -24.03 -19.50 -2.25
CA ALA A 429 -23.50 -19.40 -0.90
C ALA A 429 -24.41 -20.12 0.09
N PRO A 430 -24.59 -21.45 -0.09
CA PRO A 430 -25.49 -22.22 0.77
C PRO A 430 -24.91 -22.39 2.18
N SER A 431 -25.78 -22.30 3.18
CA SER A 431 -25.37 -22.57 4.55
C SER A 431 -26.58 -23.10 5.32
N GLU A 432 -26.49 -24.36 5.79
CA GLU A 432 -27.64 -25.06 6.32
C GLU A 432 -28.32 -24.23 7.42
N ASN A 433 -27.50 -23.62 8.30
CA ASN A 433 -28.03 -22.94 9.46
C ASN A 433 -27.98 -21.42 9.32
N GLY A 434 -27.61 -20.92 8.13
CA GLY A 434 -27.64 -19.49 7.88
C GLY A 434 -29.08 -19.01 7.67
N PRO A 435 -29.33 -17.69 7.68
CA PRO A 435 -30.68 -17.18 7.44
C PRO A 435 -31.20 -17.63 6.08
N ASN A 436 -32.38 -18.27 6.10
CA ASN A 436 -33.05 -18.83 4.93
C ASN A 436 -32.10 -19.71 4.12
N GLY A 437 -31.15 -20.39 4.78
CA GLY A 437 -30.28 -21.34 4.11
C GLY A 437 -29.08 -20.68 3.42
N ILE A 438 -28.83 -19.39 3.75
CA ILE A 438 -27.81 -18.59 3.10
C ILE A 438 -26.70 -18.28 4.09
N SER A 439 -25.44 -18.39 3.65
CA SER A 439 -24.27 -17.98 4.41
C SER A 439 -24.52 -16.66 5.16
N ALA A 440 -24.19 -16.64 6.47
CA ALA A 440 -24.47 -15.47 7.30
C ALA A 440 -23.65 -14.27 6.83
N GLU A 441 -22.40 -14.50 6.43
CA GLU A 441 -21.53 -13.43 5.95
C GLU A 441 -22.15 -12.78 4.71
N VAL A 442 -22.68 -13.61 3.81
CA VAL A 442 -23.23 -13.12 2.56
C VAL A 442 -24.47 -12.29 2.84
N MET A 443 -25.39 -12.82 3.67
CA MET A 443 -26.59 -12.08 4.03
C MET A 443 -26.22 -10.78 4.75
N ASP A 444 -25.20 -10.83 5.60
CA ASP A 444 -24.76 -9.63 6.33
C ASP A 444 -24.30 -8.55 5.35
N THR A 445 -23.49 -8.95 4.35
CA THR A 445 -23.02 -8.06 3.29
C THR A 445 -24.19 -7.48 2.49
N TYR A 446 -25.21 -8.33 2.24
CA TYR A 446 -26.36 -7.92 1.45
C TYR A 446 -27.12 -6.83 2.21
N VAL A 447 -27.40 -7.09 3.49
CA VAL A 447 -28.16 -6.15 4.29
C VAL A 447 -27.44 -4.82 4.38
N LYS A 448 -26.12 -4.88 4.66
CA LYS A 448 -25.33 -3.66 4.78
C LYS A 448 -25.32 -2.88 3.47
N SER A 449 -25.02 -3.55 2.35
CA SER A 449 -24.88 -2.83 1.08
C SER A 449 -26.23 -2.31 0.64
N CYS A 450 -27.31 -3.05 0.92
CA CYS A 450 -28.65 -2.56 0.64
C CYS A 450 -28.93 -1.28 1.41
N ALA A 451 -28.62 -1.30 2.71
CA ALA A 451 -28.83 -0.13 3.55
C ALA A 451 -28.06 1.06 2.98
N GLY A 452 -26.76 0.85 2.71
CA GLY A 452 -25.90 1.92 2.25
C GLY A 452 -26.42 2.55 0.96
N TYR A 453 -26.80 1.72 -0.02
CA TYR A 453 -27.25 2.25 -1.29
C TYR A 453 -28.63 2.89 -1.14
N CYS A 454 -29.48 2.33 -0.26
N CYS A 454 -29.48 2.37 -0.26
CA CYS A 454 -30.78 2.93 0.01
CA CYS A 454 -30.80 2.96 -0.07
C CYS A 454 -30.61 4.38 0.39
C CYS A 454 -30.65 4.39 0.43
N VAL A 455 -29.70 4.64 1.33
CA VAL A 455 -29.48 5.98 1.86
C VAL A 455 -28.80 6.87 0.81
N ILE A 456 -27.78 6.33 0.12
CA ILE A 456 -26.99 7.13 -0.79
C ILE A 456 -27.81 7.52 -2.01
N THR A 457 -28.57 6.58 -2.60
CA THR A 457 -29.38 6.90 -3.77
C THR A 457 -30.52 7.85 -3.39
N TYR A 458 -31.04 7.71 -2.15
CA TYR A 458 -32.06 8.64 -1.67
C TYR A 458 -31.48 10.05 -1.65
N ILE A 459 -30.30 10.23 -1.03
CA ILE A 459 -29.69 11.57 -0.94
C ILE A 459 -29.40 12.12 -2.34
N LEU A 460 -28.95 11.28 -3.28
CA LEU A 460 -28.51 11.79 -4.58
C LEU A 460 -29.66 11.83 -5.59
N GLY A 461 -30.84 11.32 -5.19
CA GLY A 461 -32.05 11.43 -5.99
C GLY A 461 -31.93 10.63 -7.29
N VAL A 462 -31.43 9.40 -7.17
CA VAL A 462 -31.06 8.60 -8.32
C VAL A 462 -32.32 7.97 -8.89
N GLY A 463 -32.59 8.22 -10.18
CA GLY A 463 -33.76 7.65 -10.84
C GLY A 463 -33.36 6.56 -11.81
N ASP A 464 -34.34 6.14 -12.63
CA ASP A 464 -34.16 5.11 -13.64
C ASP A 464 -33.63 3.82 -12.99
N ARG A 465 -34.28 3.40 -11.91
CA ARG A 465 -33.84 2.24 -11.15
C ARG A 465 -34.53 0.96 -11.63
N HIS A 466 -34.33 0.62 -12.90
CA HIS A 466 -34.76 -0.67 -13.38
C HIS A 466 -33.76 -1.73 -12.91
N LEU A 467 -34.15 -3.00 -13.01
CA LEU A 467 -33.44 -4.10 -12.38
C LEU A 467 -32.20 -4.52 -13.18
N ASP A 468 -31.92 -3.88 -14.33
CA ASP A 468 -30.63 -4.05 -14.99
C ASP A 468 -29.60 -3.06 -14.43
N ASN A 469 -30.04 -2.08 -13.64
CA ASN A 469 -29.16 -1.07 -13.05
C ASN A 469 -28.86 -1.36 -11.58
N LEU A 470 -29.31 -2.50 -11.07
CA LEU A 470 -28.96 -2.99 -9.74
C LEU A 470 -28.22 -4.30 -9.92
N LEU A 471 -26.98 -4.35 -9.42
CA LEU A 471 -26.08 -5.47 -9.62
C LEU A 471 -25.83 -6.17 -8.28
N LEU A 472 -25.53 -7.47 -8.39
CA LEU A 472 -25.33 -8.34 -7.26
C LEU A 472 -24.08 -9.16 -7.48
N THR A 473 -23.29 -9.37 -6.42
CA THR A 473 -22.20 -10.33 -6.47
C THR A 473 -22.56 -11.52 -5.61
N LYS A 474 -21.77 -12.59 -5.77
CA LYS A 474 -21.98 -13.84 -5.07
C LYS A 474 -21.49 -13.77 -3.63
N THR A 475 -20.76 -12.69 -3.29
CA THR A 475 -20.37 -12.43 -1.92
C THR A 475 -21.49 -11.68 -1.19
N GLY A 476 -22.54 -11.27 -1.92
CA GLY A 476 -23.71 -10.68 -1.29
C GLY A 476 -23.83 -9.17 -1.51
N LYS A 477 -22.85 -8.55 -2.18
CA LYS A 477 -22.90 -7.12 -2.40
C LYS A 477 -23.96 -6.79 -3.42
N LEU A 478 -24.80 -5.80 -3.08
CA LEU A 478 -25.67 -5.13 -4.03
C LEU A 478 -25.11 -3.73 -4.27
N PHE A 479 -25.16 -3.26 -5.53
CA PHE A 479 -24.79 -1.89 -5.83
C PHE A 479 -25.51 -1.36 -7.07
N HIS A 480 -25.50 -0.04 -7.21
CA HIS A 480 -26.15 0.66 -8.31
C HIS A 480 -25.13 1.04 -9.38
N ILE A 481 -25.62 1.07 -10.63
CA ILE A 481 -24.90 1.61 -11.76
C ILE A 481 -25.83 2.59 -12.49
N ASP A 482 -25.22 3.33 -13.42
CA ASP A 482 -25.91 4.03 -14.49
C ASP A 482 -26.66 5.22 -13.90
N PHE A 483 -25.93 6.33 -13.75
CA PHE A 483 -26.43 7.50 -13.07
C PHE A 483 -26.81 8.57 -14.10
N GLY A 484 -27.57 8.15 -15.12
CA GLY A 484 -28.07 9.06 -16.15
C GLY A 484 -29.21 9.95 -15.65
N TYR A 485 -29.85 9.60 -14.54
CA TYR A 485 -30.91 10.43 -13.96
C TYR A 485 -30.64 10.65 -12.48
N ILE A 486 -30.35 11.89 -12.07
CA ILE A 486 -30.06 12.18 -10.67
C ILE A 486 -30.84 13.41 -10.21
N LEU A 487 -30.74 13.69 -8.90
CA LEU A 487 -31.29 14.89 -8.30
C LEU A 487 -32.80 14.98 -8.54
N GLY A 488 -33.48 13.83 -8.56
CA GLY A 488 -34.94 13.82 -8.61
C GLY A 488 -35.49 13.57 -10.01
N ARG A 489 -34.62 13.51 -11.03
CA ARG A 489 -35.08 13.25 -12.38
C ARG A 489 -35.39 11.76 -12.55
N ASP A 490 -36.34 11.47 -13.45
CA ASP A 490 -36.70 10.10 -13.79
C ASP A 490 -37.32 10.06 -15.19
N PRO A 491 -37.18 8.95 -15.94
CA PRO A 491 -37.84 8.80 -17.23
C PRO A 491 -39.37 8.71 -17.16
N LYS A 492 -39.91 8.32 -16.00
CA LYS A 492 -41.36 8.28 -15.83
C LYS A 492 -41.74 9.27 -14.72
N PRO A 493 -43.02 9.74 -14.67
CA PRO A 493 -43.39 10.80 -13.74
C PRO A 493 -43.44 10.31 -12.29
N LEU A 494 -43.44 11.27 -11.35
CA LEU A 494 -43.64 11.00 -9.93
C LEU A 494 -42.75 9.86 -9.44
N PRO A 495 -41.40 9.97 -9.52
CA PRO A 495 -40.52 8.97 -8.93
C PRO A 495 -40.65 9.03 -7.42
N PRO A 496 -40.58 7.88 -6.71
CA PRO A 496 -40.70 7.89 -5.24
C PRO A 496 -39.44 8.45 -4.61
N PRO A 497 -39.50 9.09 -3.42
CA PRO A 497 -38.29 9.56 -2.74
C PRO A 497 -37.29 8.44 -2.45
N MET A 498 -37.79 7.24 -2.16
CA MET A 498 -36.90 6.13 -1.87
C MET A 498 -37.00 5.06 -2.96
N LYS A 499 -35.83 4.56 -3.36
CA LYS A 499 -35.68 3.68 -4.50
C LYS A 499 -35.46 2.26 -3.99
N LEU A 500 -36.52 1.71 -3.42
CA LEU A 500 -36.50 0.37 -2.88
C LEU A 500 -37.45 -0.45 -3.75
N ASN A 501 -37.17 -1.73 -3.95
CA ASN A 501 -38.06 -2.57 -4.73
C ASN A 501 -38.33 -3.88 -4.02
N LYS A 502 -39.40 -4.56 -4.46
CA LYS A 502 -39.86 -5.80 -3.85
C LYS A 502 -38.75 -6.84 -3.81
N GLU A 503 -38.03 -6.94 -4.93
CA GLU A 503 -37.01 -7.97 -5.07
C GLU A 503 -35.93 -7.80 -4.00
N MET A 504 -35.55 -6.56 -3.72
CA MET A 504 -34.53 -6.30 -2.74
CA MET A 504 -34.54 -6.25 -2.72
C MET A 504 -35.02 -6.70 -1.35
N VAL A 505 -36.26 -6.32 -1.01
CA VAL A 505 -36.82 -6.63 0.30
C VAL A 505 -36.93 -8.14 0.47
N GLU A 506 -37.39 -8.84 -0.56
CA GLU A 506 -37.51 -10.29 -0.53
C GLU A 506 -36.13 -10.93 -0.39
N GLY A 507 -35.09 -10.31 -0.96
CA GLY A 507 -33.75 -10.86 -0.86
C GLY A 507 -33.29 -11.00 0.59
N MET A 508 -33.75 -10.10 1.46
CA MET A 508 -33.33 -10.13 2.85
C MET A 508 -34.37 -10.85 3.72
N GLY A 509 -35.39 -11.46 3.09
CA GLY A 509 -36.25 -12.44 3.75
C GLY A 509 -37.66 -11.92 4.05
N GLY A 510 -37.99 -10.72 3.55
CA GLY A 510 -39.32 -10.15 3.72
C GLY A 510 -39.36 -9.20 4.92
N THR A 511 -40.50 -8.50 5.08
CA THR A 511 -40.64 -7.48 6.09
C THR A 511 -40.74 -8.09 7.49
N GLN A 512 -40.72 -9.42 7.61
CA GLN A 512 -40.90 -10.09 8.89
C GLN A 512 -39.58 -10.66 9.43
N SER A 513 -38.47 -10.44 8.73
CA SER A 513 -37.20 -11.04 9.14
C SER A 513 -36.43 -10.07 10.03
N GLU A 514 -35.44 -10.61 10.75
CA GLU A 514 -34.48 -9.81 11.49
C GLU A 514 -33.52 -9.10 10.54
N GLN A 515 -33.29 -9.68 9.36
CA GLN A 515 -32.45 -9.04 8.35
C GLN A 515 -33.08 -7.70 7.98
N TYR A 516 -34.40 -7.70 7.78
CA TYR A 516 -35.11 -6.47 7.48
C TYR A 516 -34.90 -5.44 8.59
N GLN A 517 -34.87 -5.88 9.85
CA GLN A 517 -34.71 -4.96 10.96
C GLN A 517 -33.28 -4.43 10.97
N GLU A 518 -32.31 -5.30 10.71
CA GLU A 518 -30.92 -4.90 10.63
C GLU A 518 -30.75 -3.87 9.50
N PHE A 519 -31.45 -4.10 8.39
CA PHE A 519 -31.40 -3.20 7.24
C PHE A 519 -31.84 -1.80 7.64
N ARG A 520 -32.99 -1.70 8.32
CA ARG A 520 -33.54 -0.40 8.68
C ARG A 520 -32.61 0.31 9.67
N LYS A 521 -32.05 -0.46 10.59
CA LYS A 521 -31.13 0.09 11.58
C LYS A 521 -29.92 0.70 10.88
N GLN A 522 -29.30 -0.07 9.97
CA GLN A 522 -28.14 0.39 9.21
C GLN A 522 -28.49 1.62 8.37
N CYS A 523 -29.70 1.69 7.85
CA CYS A 523 -30.13 2.88 7.12
C CYS A 523 -30.08 4.10 8.04
N TYR A 524 -30.58 3.93 9.29
CA TYR A 524 -30.64 5.01 10.26
C TYR A 524 -29.23 5.51 10.53
N THR A 525 -28.32 4.58 10.83
CA THR A 525 -26.96 4.90 11.21
C THR A 525 -26.26 5.64 10.08
N ALA A 526 -26.32 5.07 8.86
CA ALA A 526 -25.67 5.68 7.69
C ALA A 526 -26.17 7.10 7.50
N PHE A 527 -27.49 7.29 7.65
CA PHE A 527 -28.09 8.60 7.41
C PHE A 527 -27.54 9.62 8.40
N LEU A 528 -27.36 9.22 9.67
CA LEU A 528 -26.94 10.15 10.70
C LEU A 528 -25.47 10.52 10.49
N HIS A 529 -24.66 9.56 10.05
CA HIS A 529 -23.25 9.80 9.79
C HIS A 529 -23.08 10.79 8.63
N LEU A 530 -23.83 10.59 7.54
CA LEU A 530 -23.66 11.42 6.36
C LEU A 530 -24.18 12.84 6.63
N ARG A 531 -25.21 12.97 7.47
CA ARG A 531 -25.69 14.28 7.90
C ARG A 531 -24.60 15.06 8.63
N ARG A 532 -23.80 14.37 9.44
CA ARG A 532 -22.69 14.99 10.16
C ARG A 532 -21.66 15.58 9.19
N TYR A 533 -21.61 15.10 7.94
CA TYR A 533 -20.66 15.62 6.97
C TYR A 533 -21.36 16.48 5.91
N SER A 534 -22.49 17.09 6.28
CA SER A 534 -23.31 17.84 5.34
C SER A 534 -22.58 19.08 4.84
N ASN A 535 -21.81 19.74 5.69
CA ASN A 535 -21.07 20.93 5.26
C ASN A 535 -20.11 20.58 4.13
N LEU A 536 -19.28 19.57 4.36
CA LEU A 536 -18.32 19.08 3.36
C LEU A 536 -19.05 18.75 2.07
N ILE A 537 -20.08 17.90 2.17
CA ILE A 537 -20.75 17.39 0.98
C ILE A 537 -21.40 18.54 0.21
N LEU A 538 -22.06 19.45 0.92
CA LEU A 538 -22.71 20.58 0.28
C LEU A 538 -21.70 21.55 -0.32
N ASN A 539 -20.57 21.78 0.37
CA ASN A 539 -19.53 22.66 -0.16
C ASN A 539 -18.94 22.06 -1.44
N LEU A 540 -18.86 20.73 -1.51
CA LEU A 540 -18.37 20.08 -2.71
C LEU A 540 -19.34 20.25 -3.87
N PHE A 541 -20.65 20.05 -3.64
CA PHE A 541 -21.66 20.29 -4.67
C PHE A 541 -21.73 21.75 -5.08
N SER A 542 -21.48 22.67 -4.14
CA SER A 542 -21.43 24.09 -4.49
C SER A 542 -20.37 24.36 -5.56
N LEU A 543 -19.26 23.61 -5.54
CA LEU A 543 -18.19 23.83 -6.51
C LEU A 543 -18.53 23.21 -7.87
N MET A 544 -19.61 22.42 -7.94
CA MET A 544 -20.01 21.77 -9.17
C MET A 544 -21.09 22.54 -9.94
N VAL A 545 -21.56 23.70 -9.43
CA VAL A 545 -22.81 24.27 -9.93
C VAL A 545 -22.64 24.68 -11.40
N ASP A 546 -21.43 25.04 -11.82
CA ASP A 546 -21.24 25.55 -13.19
C ASP A 546 -20.70 24.46 -14.11
N ALA A 547 -20.73 23.21 -13.68
CA ALA A 547 -20.12 22.12 -14.43
C ALA A 547 -21.04 21.70 -15.58
N ASN A 548 -20.44 21.22 -16.67
CA ASN A 548 -21.18 20.68 -17.81
C ASN A 548 -21.57 19.23 -17.50
N ILE A 549 -22.53 19.10 -16.61
CA ILE A 549 -23.09 17.83 -16.19
C ILE A 549 -24.60 17.98 -16.34
N PRO A 550 -25.26 17.16 -17.18
CA PRO A 550 -26.63 17.47 -17.63
C PRO A 550 -27.60 17.84 -16.52
N ASP A 551 -27.69 17.00 -15.49
CA ASP A 551 -28.74 17.17 -14.49
C ASP A 551 -28.41 18.30 -13.53
N ILE A 552 -27.15 18.78 -13.48
CA ILE A 552 -26.85 19.98 -12.73
C ILE A 552 -27.15 21.21 -13.59
N ALA A 553 -26.80 21.14 -14.87
CA ALA A 553 -26.89 22.29 -15.76
C ALA A 553 -28.35 22.65 -16.06
N LEU A 554 -29.29 21.74 -15.80
CA LEU A 554 -30.71 22.02 -15.96
C LEU A 554 -31.12 23.17 -15.03
N GLU A 555 -30.67 23.12 -13.77
CA GLU A 555 -31.00 24.13 -12.78
C GLU A 555 -29.80 24.37 -11.88
N PRO A 556 -28.81 25.16 -12.31
CA PRO A 556 -27.57 25.29 -11.54
C PRO A 556 -27.83 25.80 -10.13
N ASP A 557 -28.76 26.77 -10.01
CA ASP A 557 -29.02 27.48 -8.77
C ASP A 557 -29.86 26.67 -7.79
N LYS A 558 -30.43 25.55 -8.21
CA LYS A 558 -31.24 24.74 -7.30
C LYS A 558 -30.56 23.42 -6.95
N THR A 559 -29.38 23.17 -7.51
CA THR A 559 -28.74 21.86 -7.40
C THR A 559 -28.43 21.54 -5.94
N VAL A 560 -27.79 22.47 -5.23
CA VAL A 560 -27.30 22.18 -3.88
C VAL A 560 -28.50 21.96 -2.95
N LYS A 561 -29.55 22.78 -3.12
CA LYS A 561 -30.74 22.65 -2.30
C LYS A 561 -31.34 21.26 -2.42
N LYS A 562 -31.31 20.68 -3.64
CA LYS A 562 -31.88 19.37 -3.89
C LYS A 562 -31.16 18.28 -3.11
N VAL A 563 -29.87 18.47 -2.84
CA VAL A 563 -29.14 17.56 -1.99
C VAL A 563 -29.42 17.88 -0.52
N GLN A 564 -29.36 19.17 -0.17
CA GLN A 564 -29.48 19.60 1.21
C GLN A 564 -30.80 19.16 1.82
N ASP A 565 -31.91 19.35 1.09
CA ASP A 565 -33.21 18.94 1.60
C ASP A 565 -33.23 17.49 2.05
N LYS A 566 -32.45 16.61 1.39
CA LYS A 566 -32.49 15.18 1.71
C LYS A 566 -31.90 14.91 3.09
N PHE A 567 -31.00 15.79 3.55
CA PHE A 567 -30.41 15.64 4.87
C PHE A 567 -31.44 15.94 5.98
N ARG A 568 -32.49 16.72 5.66
CA ARG A 568 -33.47 17.13 6.65
C ARG A 568 -32.73 17.70 7.85
N LEU A 569 -31.86 18.67 7.57
CA LEU A 569 -31.02 19.28 8.59
C LEU A 569 -31.89 20.00 9.62
N ASP A 570 -33.12 20.32 9.24
CA ASP A 570 -34.11 20.96 10.11
C ASP A 570 -34.48 20.06 11.28
N LEU A 571 -34.18 18.75 11.16
CA LEU A 571 -34.54 17.77 12.17
C LEU A 571 -33.32 17.41 13.02
N SER A 572 -33.58 17.09 14.28
CA SER A 572 -32.58 16.51 15.16
C SER A 572 -32.33 15.06 14.74
N ASP A 573 -31.29 14.46 15.32
CA ASP A 573 -30.94 13.07 15.10
C ASP A 573 -32.11 12.15 15.43
N GLU A 574 -32.82 12.42 16.54
CA GLU A 574 -33.91 11.60 17.00
C GLU A 574 -35.06 11.66 15.99
N GLU A 575 -35.40 12.87 15.54
CA GLU A 575 -36.45 13.07 14.54
C GLU A 575 -36.02 12.53 13.17
N ALA A 576 -34.72 12.64 12.84
CA ALA A 576 -34.18 12.18 11.57
C ALA A 576 -34.36 10.68 11.43
N VAL A 577 -34.01 9.94 12.49
CA VAL A 577 -34.23 8.51 12.54
C VAL A 577 -35.70 8.17 12.29
N HIS A 578 -36.60 8.92 12.94
N HIS A 578 -36.61 8.94 12.89
CA HIS A 578 -38.04 8.70 12.80
CA HIS A 578 -38.03 8.65 12.81
C HIS A 578 -38.46 8.94 11.36
C HIS A 578 -38.57 9.05 11.42
N TYR A 579 -37.93 10.01 10.76
CA TYR A 579 -38.30 10.37 9.39
C TYR A 579 -37.86 9.25 8.45
N MET A 580 -36.65 8.71 8.66
CA MET A 580 -36.09 7.70 7.78
C MET A 580 -36.88 6.40 7.94
N GLN A 581 -37.25 6.07 9.19
CA GLN A 581 -38.10 4.92 9.48
C GLN A 581 -39.40 5.04 8.69
N SER A 582 -39.99 6.24 8.73
CA SER A 582 -41.25 6.51 8.07
C SER A 582 -41.13 6.37 6.56
N LEU A 583 -40.00 6.81 6.00
CA LEU A 583 -39.73 6.69 4.57
C LEU A 583 -39.74 5.22 4.18
N ILE A 584 -38.99 4.40 4.92
CA ILE A 584 -38.83 3.00 4.56
C ILE A 584 -40.17 2.28 4.67
N ASP A 585 -40.91 2.56 5.76
CA ASP A 585 -42.22 1.95 5.98
C ASP A 585 -43.17 2.28 4.83
N GLU A 586 -43.25 3.56 4.48
CA GLU A 586 -44.12 3.99 3.39
C GLU A 586 -43.73 3.32 2.07
N SER A 587 -42.42 3.27 1.76
CA SER A 587 -41.95 2.69 0.51
C SER A 587 -42.38 1.23 0.43
N VAL A 588 -42.03 0.49 1.47
CA VAL A 588 -42.22 -0.95 1.49
C VAL A 588 -43.71 -1.29 1.49
N HIS A 589 -44.50 -0.53 2.26
CA HIS A 589 -45.95 -0.70 2.29
C HIS A 589 -46.51 -0.59 0.88
N ALA A 590 -46.12 0.48 0.17
CA ALA A 590 -46.54 0.70 -1.19
C ALA A 590 -46.09 -0.42 -2.14
N LEU A 591 -45.03 -1.17 -1.79
CA LEU A 591 -44.54 -2.26 -2.64
C LEU A 591 -45.46 -3.47 -2.54
N PHE A 592 -46.15 -3.65 -1.41
CA PHE A 592 -47.10 -4.74 -1.20
C PHE A 592 -48.49 -4.17 -0.85
N SER B 1 -30.23 -3.98 27.33
CA SER B 1 -29.34 -5.04 26.79
C SER B 1 -28.06 -5.12 27.61
N MET B 2 -27.65 -6.36 27.91
CA MET B 2 -26.44 -6.63 28.64
C MET B 2 -25.39 -7.22 27.70
N SER B 3 -25.64 -7.08 26.39
CA SER B 3 -24.77 -7.63 25.34
C SER B 3 -23.59 -6.69 25.07
N ASP B 4 -22.50 -7.24 24.51
CA ASP B 4 -21.33 -6.44 24.18
C ASP B 4 -21.27 -6.09 22.69
N HIS B 5 -22.22 -6.61 21.89
CA HIS B 5 -22.16 -6.52 20.45
C HIS B 5 -22.15 -5.07 19.97
N ASP B 6 -22.76 -4.17 20.74
CA ASP B 6 -23.06 -2.83 20.25
C ASP B 6 -22.37 -1.75 21.07
N LEU B 7 -21.47 -2.12 21.99
CA LEU B 7 -20.73 -1.13 22.74
C LEU B 7 -19.89 -0.30 21.79
N LYS B 8 -20.01 1.02 21.91
CA LYS B 8 -19.28 1.94 21.05
C LYS B 8 -18.49 2.88 21.97
N PRO B 9 -17.18 3.01 21.77
CA PRO B 9 -16.36 3.84 22.65
C PRO B 9 -16.55 5.32 22.32
N ASN B 10 -16.35 6.17 23.32
CA ASN B 10 -16.43 7.62 23.12
C ASN B 10 -15.09 8.12 22.58
N ALA B 11 -15.01 9.43 22.33
CA ALA B 11 -13.85 10.03 21.69
C ALA B 11 -12.55 9.60 22.38
N ALA B 12 -12.53 9.67 23.71
CA ALA B 12 -11.30 9.48 24.46
C ALA B 12 -10.93 7.99 24.52
N THR B 13 -11.95 7.12 24.53
CA THR B 13 -11.71 5.68 24.58
C THR B 13 -11.13 5.25 23.23
N ARG B 14 -11.67 5.81 22.15
CA ARG B 14 -11.18 5.58 20.80
C ARG B 14 -9.69 5.90 20.71
N ASP B 15 -9.29 7.02 21.34
CA ASP B 15 -7.93 7.51 21.26
C ASP B 15 -7.01 6.53 21.98
N GLN B 16 -7.43 6.03 23.14
CA GLN B 16 -6.68 5.02 23.88
C GLN B 16 -6.60 3.72 23.09
N LEU B 17 -7.71 3.34 22.44
CA LEU B 17 -7.73 2.12 21.63
C LEU B 17 -6.77 2.26 20.45
N ASN B 18 -6.77 3.43 19.82
CA ASN B 18 -5.87 3.72 18.71
C ASN B 18 -4.41 3.58 19.15
N ILE B 19 -4.08 4.08 20.35
CA ILE B 19 -2.73 4.02 20.85
C ILE B 19 -2.35 2.55 21.09
N ILE B 20 -3.26 1.77 21.69
CA ILE B 20 -2.99 0.37 21.96
C ILE B 20 -2.79 -0.41 20.65
N VAL B 21 -3.61 -0.10 19.62
CA VAL B 21 -3.57 -0.84 18.38
C VAL B 21 -2.27 -0.53 17.63
N SER B 22 -1.71 0.67 17.85
CA SER B 22 -0.52 1.10 17.15
C SER B 22 0.75 0.65 17.89
N TYR B 23 0.59 0.03 19.07
CA TYR B 23 1.72 -0.50 19.79
C TYR B 23 2.52 -1.47 18.92
N PRO B 24 3.87 -1.52 19.09
CA PRO B 24 4.68 -2.57 18.46
C PRO B 24 4.25 -3.96 18.92
N PRO B 25 4.48 -5.01 18.12
CA PRO B 25 4.03 -6.36 18.45
C PRO B 25 4.64 -6.89 19.73
N THR B 26 5.74 -6.28 20.19
CA THR B 26 6.45 -6.78 21.36
C THR B 26 5.89 -6.19 22.65
N LYS B 27 5.09 -5.12 22.58
CA LYS B 27 4.70 -4.40 23.77
C LYS B 27 3.65 -5.21 24.53
N GLN B 28 3.99 -5.53 25.78
CA GLN B 28 3.06 -6.13 26.72
C GLN B 28 1.91 -5.17 27.04
N LEU B 29 0.67 -5.62 26.89
CA LEU B 29 -0.50 -4.83 27.26
C LEU B 29 -0.65 -4.86 28.79
N THR B 30 -1.01 -3.74 29.43
CA THR B 30 -1.39 -3.75 30.84
C THR B 30 -2.73 -4.50 31.01
N TYR B 31 -3.02 -4.92 32.25
CA TYR B 31 -4.29 -5.53 32.61
C TYR B 31 -5.45 -4.61 32.26
N GLU B 32 -5.27 -3.30 32.46
CA GLU B 32 -6.30 -2.31 32.12
C GLU B 32 -6.51 -2.22 30.61
N GLU B 33 -5.42 -2.38 29.85
CA GLU B 33 -5.47 -2.31 28.39
C GLU B 33 -6.17 -3.55 27.84
N GLN B 34 -5.88 -4.71 28.42
CA GLN B 34 -6.47 -5.95 27.97
C GLN B 34 -7.98 -5.95 28.17
N ASP B 35 -8.40 -5.41 29.31
CA ASP B 35 -9.80 -5.29 29.69
C ASP B 35 -10.52 -4.37 28.71
N LEU B 36 -9.83 -3.30 28.29
CA LEU B 36 -10.42 -2.32 27.39
C LEU B 36 -10.61 -2.92 25.99
N VAL B 37 -9.60 -3.66 25.51
CA VAL B 37 -9.69 -4.27 24.18
C VAL B 37 -10.79 -5.34 24.17
N TRP B 38 -10.86 -6.14 25.24
CA TRP B 38 -11.89 -7.16 25.37
C TRP B 38 -13.27 -6.50 25.35
N LYS B 39 -13.45 -5.44 26.14
CA LYS B 39 -14.73 -4.78 26.30
C LYS B 39 -15.23 -4.32 24.93
N PHE B 40 -14.33 -3.76 24.11
CA PHE B 40 -14.72 -3.20 22.83
C PHE B 40 -14.32 -4.12 21.67
N ARG B 41 -14.29 -5.43 21.91
CA ARG B 41 -13.85 -6.39 20.91
C ARG B 41 -14.72 -6.32 19.66
N TYR B 42 -16.05 -6.15 19.79
CA TYR B 42 -16.92 -6.11 18.62
C TYR B 42 -16.65 -4.86 17.78
N TYR B 43 -16.41 -3.71 18.42
CA TYR B 43 -16.05 -2.50 17.71
C TYR B 43 -14.77 -2.70 16.88
N LEU B 44 -13.84 -3.53 17.38
CA LEU B 44 -12.50 -3.63 16.82
C LEU B 44 -12.43 -4.63 15.66
N THR B 45 -13.49 -5.45 15.48
CA THR B 45 -13.52 -6.47 14.44
C THR B 45 -13.32 -5.84 13.06
N ASN B 46 -13.47 -4.53 12.98
CA ASN B 46 -13.37 -3.80 11.72
C ASN B 46 -11.93 -3.40 11.40
N GLN B 47 -11.01 -3.64 12.35
CA GLN B 47 -9.62 -3.23 12.23
C GLN B 47 -8.73 -4.46 12.24
N GLU B 48 -8.20 -4.83 11.06
CA GLU B 48 -7.35 -6.01 10.94
C GLU B 48 -6.12 -5.85 11.81
N LYS B 49 -5.66 -4.63 12.04
CA LYS B 49 -4.50 -4.38 12.89
C LYS B 49 -4.80 -4.65 14.37
N ALA B 50 -6.07 -4.75 14.76
CA ALA B 50 -6.42 -4.85 16.18
C ALA B 50 -6.45 -6.30 16.65
N LEU B 51 -6.42 -7.25 15.71
CA LEU B 51 -6.61 -8.65 16.02
C LEU B 51 -5.45 -9.20 16.85
N THR B 52 -4.20 -8.87 16.48
CA THR B 52 -3.07 -9.34 17.28
C THR B 52 -3.24 -8.84 18.72
N LYS B 53 -3.71 -7.61 18.89
CA LYS B 53 -3.92 -7.07 20.22
C LYS B 53 -5.02 -7.85 20.94
N PHE B 54 -6.10 -8.17 20.22
CA PHE B 54 -7.19 -8.91 20.82
C PHE B 54 -6.71 -10.28 21.33
N LEU B 55 -5.97 -11.03 20.49
CA LEU B 55 -5.55 -12.37 20.86
C LEU B 55 -4.64 -12.34 22.10
N LYS B 56 -3.96 -11.22 22.37
CA LYS B 56 -3.15 -11.05 23.57
C LYS B 56 -3.97 -10.68 24.81
N CYS B 57 -5.29 -10.52 24.67
CA CYS B 57 -6.14 -10.17 25.81
C CYS B 57 -6.89 -11.36 26.37
N VAL B 58 -6.89 -12.47 25.60
CA VAL B 58 -7.75 -13.61 25.89
C VAL B 58 -7.14 -14.42 27.02
N ASN B 59 -7.95 -14.77 28.01
CA ASN B 59 -7.54 -15.75 29.00
C ASN B 59 -7.93 -17.13 28.47
N TRP B 60 -6.93 -17.88 27.97
CA TRP B 60 -7.15 -19.08 27.19
C TRP B 60 -7.47 -20.27 28.11
N ASP B 61 -7.37 -20.07 29.42
CA ASP B 61 -7.71 -21.09 30.40
C ASP B 61 -9.18 -21.01 30.79
N LEU B 62 -9.86 -19.91 30.43
CA LEU B 62 -11.30 -19.79 30.62
C LEU B 62 -12.00 -20.26 29.35
N PRO B 63 -12.65 -21.44 29.36
CA PRO B 63 -13.24 -22.03 28.15
C PRO B 63 -14.19 -21.08 27.43
N GLN B 64 -14.94 -20.29 28.20
CA GLN B 64 -15.93 -19.38 27.66
C GLN B 64 -15.23 -18.27 26.85
N GLU B 65 -14.17 -17.70 27.43
CA GLU B 65 -13.41 -16.65 26.77
C GLU B 65 -12.76 -17.23 25.51
N ALA B 66 -12.05 -18.35 25.67
CA ALA B 66 -11.37 -19.02 24.57
C ALA B 66 -12.33 -19.27 23.41
N LYS B 67 -13.51 -19.82 23.73
CA LYS B 67 -14.51 -20.14 22.73
C LYS B 67 -15.00 -18.87 22.04
N GLN B 68 -15.23 -17.81 22.83
CA GLN B 68 -15.69 -16.56 22.25
C GLN B 68 -14.57 -15.93 21.40
N ALA B 69 -13.34 -15.99 21.92
CA ALA B 69 -12.19 -15.48 21.18
C ALA B 69 -12.15 -16.12 19.78
N LEU B 70 -12.35 -17.45 19.73
CA LEU B 70 -12.28 -18.16 18.46
C LEU B 70 -13.44 -17.75 17.55
N GLU B 71 -14.62 -17.46 18.11
CA GLU B 71 -15.72 -16.97 17.31
C GLU B 71 -15.31 -15.66 16.65
N LEU B 72 -14.77 -14.72 17.44
CA LEU B 72 -14.38 -13.40 16.94
C LEU B 72 -13.22 -13.48 15.95
N LEU B 73 -12.24 -14.37 16.21
CA LEU B 73 -11.17 -14.65 15.24
C LEU B 73 -11.77 -14.90 13.87
N GLY B 74 -12.73 -15.82 13.81
CA GLY B 74 -13.47 -16.11 12.59
C GLY B 74 -14.13 -14.88 11.97
N LYS B 75 -14.70 -13.98 12.81
CA LYS B 75 -15.45 -12.83 12.29
C LYS B 75 -14.54 -11.68 11.91
N TRP B 76 -13.30 -11.64 12.44
CA TRP B 76 -12.47 -10.46 12.36
C TRP B 76 -12.12 -10.15 10.91
N LYS B 77 -11.99 -8.86 10.60
CA LYS B 77 -11.41 -8.47 9.34
C LYS B 77 -10.03 -9.14 9.23
N PRO B 78 -9.72 -9.86 8.13
CA PRO B 78 -8.57 -10.77 8.11
C PRO B 78 -7.20 -10.10 8.23
N MET B 79 -6.33 -10.78 8.97
CA MET B 79 -5.00 -10.29 9.33
C MET B 79 -4.08 -10.30 8.11
N ASP B 80 -3.22 -9.28 8.01
CA ASP B 80 -2.18 -9.23 6.99
C ASP B 80 -1.11 -10.30 7.30
N VAL B 81 -0.34 -10.66 6.25
CA VAL B 81 0.76 -11.61 6.34
C VAL B 81 1.77 -11.19 7.42
N GLU B 82 2.21 -9.93 7.39
CA GLU B 82 3.25 -9.48 8.30
C GLU B 82 2.86 -9.78 9.75
N ASP B 83 1.55 -9.64 10.05
CA ASP B 83 1.06 -9.79 11.40
C ASP B 83 0.87 -11.25 11.76
N SER B 84 0.58 -12.11 10.78
CA SER B 84 0.42 -13.54 11.03
C SER B 84 1.69 -14.14 11.64
N LEU B 85 2.86 -13.58 11.31
CA LEU B 85 4.12 -14.09 11.83
C LEU B 85 4.16 -14.03 13.35
N GLU B 86 3.48 -13.03 13.93
CA GLU B 86 3.40 -12.95 15.39
C GLU B 86 2.71 -14.19 15.95
N LEU B 87 1.70 -14.73 15.25
CA LEU B 87 0.97 -15.86 15.80
C LEU B 87 1.77 -17.17 15.77
N LEU B 88 2.95 -17.19 15.12
CA LEU B 88 3.71 -18.42 14.97
C LEU B 88 4.83 -18.52 15.99
N SER B 89 4.95 -17.49 16.86
CA SER B 89 6.00 -17.45 17.87
C SER B 89 5.68 -18.48 18.95
N SER B 90 6.61 -18.63 19.89
CA SER B 90 6.40 -19.50 21.02
C SER B 90 5.25 -19.02 21.92
N HIS B 91 4.79 -17.78 21.75
CA HIS B 91 3.74 -17.27 22.61
C HIS B 91 2.42 -18.01 22.41
N TYR B 92 2.17 -18.58 21.22
CA TYR B 92 0.85 -19.15 20.95
C TYR B 92 0.95 -20.67 20.85
N THR B 93 0.14 -21.39 21.66
CA THR B 93 0.00 -22.82 21.53
C THR B 93 -1.41 -23.21 21.07
N ASN B 94 -2.36 -22.26 21.02
CA ASN B 94 -3.73 -22.61 20.67
C ASN B 94 -3.74 -23.11 19.23
N PRO B 95 -4.15 -24.38 18.96
CA PRO B 95 -4.15 -24.92 17.61
C PRO B 95 -4.88 -24.07 16.58
N THR B 96 -6.05 -23.55 16.94
CA THR B 96 -6.84 -22.77 16.00
C THR B 96 -6.11 -21.47 15.63
N VAL B 97 -5.50 -20.81 16.62
CA VAL B 97 -4.73 -19.60 16.35
C VAL B 97 -3.57 -19.91 15.40
N ARG B 98 -2.81 -20.98 15.68
CA ARG B 98 -1.66 -21.31 14.84
C ARG B 98 -2.11 -21.67 13.42
N ARG B 99 -3.28 -22.33 13.29
CA ARG B 99 -3.80 -22.68 11.99
C ARG B 99 -4.27 -21.43 11.24
N TYR B 100 -4.86 -20.48 11.99
CA TYR B 100 -5.24 -19.21 11.41
C TYR B 100 -4.02 -18.48 10.85
N ALA B 101 -2.90 -18.55 11.57
CA ALA B 101 -1.67 -17.93 11.09
C ALA B 101 -1.27 -18.50 9.72
N VAL B 102 -1.28 -19.83 9.61
CA VAL B 102 -0.91 -20.47 8.35
C VAL B 102 -1.88 -20.02 7.25
N ALA B 103 -3.19 -20.00 7.54
CA ALA B 103 -4.19 -19.54 6.57
C ALA B 103 -3.88 -18.14 6.05
N ARG B 104 -3.41 -17.25 6.92
CA ARG B 104 -3.10 -15.90 6.51
C ARG B 104 -1.74 -15.83 5.79
N LEU B 105 -0.76 -16.59 6.29
CA LEU B 105 0.53 -16.70 5.64
C LEU B 105 0.36 -17.22 4.20
N ARG B 106 -0.63 -18.11 4.00
CA ARG B 106 -0.91 -18.74 2.71
C ARG B 106 -1.18 -17.69 1.62
N GLN B 107 -1.61 -16.48 2.01
CA GLN B 107 -1.93 -15.43 1.06
C GLN B 107 -0.67 -14.79 0.47
N ALA B 108 0.49 -15.04 1.09
CA ALA B 108 1.74 -14.55 0.51
C ALA B 108 2.01 -15.29 -0.81
N ASP B 109 2.48 -14.57 -1.83
CA ASP B 109 3.04 -15.24 -3.01
C ASP B 109 4.32 -15.96 -2.60
N ASP B 110 4.94 -16.69 -3.55
CA ASP B 110 6.09 -17.52 -3.25
C ASP B 110 7.33 -16.64 -3.06
N GLU B 111 7.40 -15.53 -3.80
CA GLU B 111 8.45 -14.55 -3.65
C GLU B 111 8.53 -14.05 -2.21
N ASP B 112 7.37 -13.75 -1.60
CA ASP B 112 7.30 -13.23 -0.26
C ASP B 112 7.60 -14.33 0.75
N LEU B 113 7.07 -15.52 0.49
CA LEU B 113 7.23 -16.61 1.42
C LEU B 113 8.72 -16.98 1.54
N LEU B 114 9.45 -16.86 0.42
CA LEU B 114 10.88 -17.11 0.39
C LEU B 114 11.65 -16.12 1.27
N MET B 115 11.21 -14.85 1.33
CA MET B 115 11.88 -13.86 2.18
C MET B 115 11.70 -14.18 3.66
N TYR B 116 10.71 -15.02 4.03
CA TYR B 116 10.42 -15.34 5.43
C TYR B 116 10.80 -16.77 5.78
N LEU B 117 11.27 -17.59 4.82
CA LEU B 117 11.36 -19.04 5.00
C LEU B 117 12.35 -19.39 6.12
N LEU B 118 13.49 -18.68 6.18
CA LEU B 118 14.49 -19.00 7.19
C LEU B 118 13.87 -18.93 8.58
N GLN B 119 13.06 -17.89 8.82
CA GLN B 119 12.39 -17.71 10.11
C GLN B 119 11.30 -18.76 10.29
N LEU B 120 10.56 -19.08 9.22
CA LEU B 120 9.48 -20.05 9.33
C LEU B 120 10.01 -21.43 9.69
N VAL B 121 11.23 -21.76 9.25
CA VAL B 121 11.82 -23.04 9.59
C VAL B 121 12.17 -23.05 11.08
N GLN B 122 12.71 -21.94 11.60
CA GLN B 122 12.90 -21.82 13.03
C GLN B 122 11.56 -21.98 13.77
N ALA B 123 10.49 -21.41 13.20
CA ALA B 123 9.18 -21.37 13.83
C ALA B 123 8.61 -22.78 14.04
N LEU B 124 9.09 -23.78 13.28
CA LEU B 124 8.64 -25.15 13.44
C LEU B 124 8.87 -25.63 14.87
N LYS B 125 9.85 -25.03 15.54
CA LYS B 125 10.15 -25.40 16.93
C LYS B 125 8.95 -25.12 17.85
N TYR B 126 8.01 -24.28 17.40
CA TYR B 126 6.87 -23.90 18.24
C TYR B 126 5.60 -24.62 17.77
N GLU B 127 5.72 -25.58 16.85
CA GLU B 127 4.57 -26.33 16.38
C GLU B 127 4.39 -27.60 17.23
N ASN B 128 3.29 -28.31 16.95
CA ASN B 128 3.02 -29.58 17.62
C ASN B 128 3.89 -30.68 17.00
N PHE B 129 4.79 -31.25 17.82
CA PHE B 129 5.74 -32.24 17.35
C PHE B 129 5.04 -33.55 16.99
N ASP B 130 4.05 -33.96 17.80
CA ASP B 130 3.33 -35.19 17.56
C ASP B 130 2.60 -35.14 16.22
N ASP B 131 1.91 -34.04 15.93
CA ASP B 131 1.23 -33.89 14.66
C ASP B 131 2.22 -34.07 13.51
N ILE B 132 3.44 -33.55 13.67
CA ILE B 132 4.43 -33.60 12.61
C ILE B 132 4.81 -35.06 12.36
N LYS B 133 5.18 -35.77 13.43
CA LYS B 133 5.49 -37.20 13.37
C LYS B 133 4.31 -38.01 12.80
N ASN B 134 3.08 -37.68 13.19
CA ASN B 134 1.91 -38.50 12.88
C ASN B 134 1.52 -38.35 11.41
N GLY B 135 2.15 -37.43 10.68
CA GLY B 135 1.96 -37.31 9.25
C GLY B 135 2.74 -38.35 8.45
N LEU B 136 3.62 -39.12 9.12
CA LEU B 136 4.40 -40.18 8.49
C LEU B 136 3.54 -41.44 8.36
N GLU B 137 3.81 -42.25 7.31
CA GLU B 137 2.96 -43.37 6.92
C GLU B 137 3.03 -44.51 7.96
N GLU B 193 -7.05 -27.07 6.51
CA GLU B 193 -6.48 -26.63 7.80
C GLU B 193 -5.11 -27.27 8.00
N GLN B 194 -4.12 -26.72 7.28
CA GLN B 194 -2.74 -27.15 7.39
C GLN B 194 -2.08 -26.50 8.61
N ASP B 195 -1.21 -27.26 9.28
CA ASP B 195 -0.22 -26.69 10.18
C ASP B 195 0.94 -26.15 9.33
N LEU B 196 2.01 -25.68 10.00
CA LEU B 196 3.07 -24.98 9.31
C LEU B 196 3.91 -25.97 8.47
N CYS B 197 4.22 -27.14 9.05
CA CYS B 197 4.98 -28.18 8.37
C CYS B 197 4.31 -28.54 7.05
N THR B 198 3.04 -28.94 7.15
CA THR B 198 2.26 -29.38 6.00
C THR B 198 2.19 -28.27 4.96
N PHE B 199 2.05 -27.03 5.43
CA PHE B 199 1.93 -25.89 4.52
C PHE B 199 3.23 -25.67 3.74
N LEU B 200 4.37 -25.65 4.44
CA LEU B 200 5.65 -25.38 3.80
C LEU B 200 5.96 -26.45 2.73
N ILE B 201 5.74 -27.72 3.11
CA ILE B 201 5.98 -28.85 2.23
C ILE B 201 5.09 -28.75 1.00
N SER B 202 3.83 -28.33 1.22
CA SER B 202 2.86 -28.21 0.13
C SER B 202 3.30 -27.15 -0.88
N ARG B 203 3.83 -26.01 -0.40
CA ARG B 203 4.29 -24.95 -1.30
C ARG B 203 5.62 -25.33 -1.96
N ALA B 204 6.43 -26.14 -1.26
CA ALA B 204 7.69 -26.65 -1.76
C ALA B 204 7.47 -27.63 -2.93
N CYS B 205 6.44 -28.49 -2.83
CA CYS B 205 6.17 -29.47 -3.87
C CYS B 205 5.88 -28.78 -5.21
N LYS B 206 5.48 -27.51 -5.19
CA LYS B 206 5.06 -26.83 -6.41
C LYS B 206 6.05 -25.75 -6.82
N ASN B 207 7.14 -25.60 -6.08
CA ASN B 207 8.09 -24.53 -6.37
C ASN B 207 9.51 -24.97 -6.02
N SER B 208 10.35 -25.15 -7.05
CA SER B 208 11.66 -25.79 -6.91
C SER B 208 12.65 -24.92 -6.14
N THR B 209 12.49 -23.59 -6.19
CA THR B 209 13.27 -22.69 -5.36
C THR B 209 12.94 -22.87 -3.88
N LEU B 210 11.63 -22.88 -3.55
CA LEU B 210 11.19 -23.07 -2.18
C LEU B 210 11.64 -24.44 -1.71
N ALA B 211 11.45 -25.46 -2.56
CA ALA B 211 11.91 -26.80 -2.19
C ALA B 211 13.42 -26.78 -1.90
N ASN B 212 14.19 -26.02 -2.68
CA ASN B 212 15.64 -26.03 -2.51
C ASN B 212 16.03 -25.47 -1.13
N TYR B 213 15.49 -24.30 -0.79
CA TYR B 213 15.83 -23.64 0.46
C TYR B 213 15.28 -24.41 1.64
N LEU B 214 14.05 -24.94 1.50
CA LEU B 214 13.47 -25.73 2.57
C LEU B 214 14.37 -26.93 2.87
N TYR B 215 14.89 -27.59 1.82
CA TYR B 215 15.76 -28.74 2.03
C TYR B 215 17.02 -28.33 2.78
N TRP B 216 17.69 -27.27 2.32
CA TRP B 216 18.96 -26.88 2.91
C TRP B 216 18.78 -26.33 4.33
N TYR B 217 17.75 -25.51 4.55
CA TYR B 217 17.48 -24.99 5.89
C TYR B 217 17.21 -26.11 6.87
N VAL B 218 16.44 -27.12 6.46
CA VAL B 218 16.10 -28.19 7.39
C VAL B 218 17.28 -29.13 7.60
N ILE B 219 18.05 -29.39 6.54
CA ILE B 219 19.24 -30.23 6.63
C ILE B 219 20.18 -29.71 7.73
N VAL B 220 20.37 -28.39 7.74
CA VAL B 220 21.28 -27.77 8.70
C VAL B 220 20.76 -28.01 10.11
N GLU B 221 19.44 -27.88 10.31
CA GLU B 221 18.82 -28.15 11.60
C GLU B 221 19.01 -29.61 12.00
N CYS B 222 18.91 -30.53 11.02
CA CYS B 222 19.06 -31.95 11.30
C CYS B 222 20.48 -32.27 11.76
N GLU B 223 21.48 -31.53 11.23
CA GLU B 223 22.87 -31.80 11.54
C GLU B 223 23.37 -30.92 12.70
N ASP B 224 22.48 -30.14 13.34
CA ASP B 224 22.88 -29.37 14.49
C ASP B 224 23.12 -30.30 15.69
N GLN B 225 24.39 -30.55 15.99
CA GLN B 225 24.77 -31.45 17.08
C GLN B 225 24.45 -30.81 18.43
N ASP B 226 24.37 -29.47 18.50
CA ASP B 226 23.99 -28.80 19.73
C ASP B 226 22.51 -29.05 20.01
N THR B 227 21.66 -28.98 18.98
CA THR B 227 20.25 -29.31 19.17
C THR B 227 20.11 -30.79 19.57
N GLN B 228 20.96 -31.64 19.01
CA GLN B 228 20.91 -33.08 19.27
C GLN B 228 21.08 -33.35 20.76
N GLN B 229 22.14 -32.79 21.38
CA GLN B 229 22.44 -32.99 22.80
C GLN B 229 21.41 -32.28 23.68
N ARG B 230 21.22 -30.98 23.47
CA ARG B 230 20.51 -30.15 24.42
C ARG B 230 18.99 -30.25 24.23
N ASP B 231 18.54 -30.51 23.00
CA ASP B 231 17.11 -30.47 22.74
C ASP B 231 16.71 -31.65 21.84
N PRO B 232 16.87 -32.91 22.30
CA PRO B 232 16.61 -34.09 21.46
C PRO B 232 15.25 -34.11 20.76
N LYS B 233 14.21 -33.62 21.44
CA LYS B 233 12.87 -33.62 20.87
C LYS B 233 12.79 -32.73 19.63
N THR B 234 13.48 -31.58 19.68
CA THR B 234 13.46 -30.64 18.57
C THR B 234 14.25 -31.21 17.40
N HIS B 235 15.35 -31.88 17.73
CA HIS B 235 16.20 -32.52 16.73
C HIS B 235 15.40 -33.59 15.99
N GLU B 236 14.62 -34.38 16.75
CA GLU B 236 13.78 -35.43 16.21
C GLU B 236 12.71 -34.82 15.30
N MET B 237 12.09 -33.70 15.73
CA MET B 237 11.06 -33.05 14.94
C MET B 237 11.60 -32.63 13.57
N TYR B 238 12.82 -32.07 13.54
CA TYR B 238 13.42 -31.63 12.29
C TYR B 238 13.74 -32.85 11.41
N LEU B 239 14.15 -33.98 11.99
CA LEU B 239 14.29 -35.21 11.21
C LEU B 239 12.94 -35.60 10.63
N ASN B 240 11.87 -35.44 11.42
CA ASN B 240 10.53 -35.81 10.95
C ASN B 240 10.11 -34.91 9.81
N VAL B 241 10.44 -33.61 9.90
CA VAL B 241 10.12 -32.68 8.82
C VAL B 241 10.82 -33.14 7.53
N MET B 242 12.08 -33.57 7.63
CA MET B 242 12.83 -33.98 6.45
C MET B 242 12.14 -35.21 5.82
N ARG B 243 11.88 -36.22 6.65
CA ARG B 243 11.15 -37.42 6.25
C ARG B 243 9.77 -37.09 5.66
N ARG B 244 9.04 -36.16 6.31
CA ARG B 244 7.75 -35.71 5.80
C ARG B 244 7.94 -35.06 4.42
N PHE B 245 9.05 -34.34 4.23
CA PHE B 245 9.27 -33.68 2.95
C PHE B 245 9.54 -34.72 1.85
N SER B 246 10.37 -35.72 2.13
CA SER B 246 10.68 -36.80 1.19
C SER B 246 9.39 -37.51 0.79
N GLN B 247 8.64 -37.93 1.81
CA GLN B 247 7.41 -38.70 1.65
C GLN B 247 6.45 -37.95 0.71
N ALA B 248 6.31 -36.64 0.94
CA ALA B 248 5.42 -35.83 0.13
C ALA B 248 5.92 -35.77 -1.31
N LEU B 249 7.24 -35.61 -1.48
CA LEU B 249 7.80 -35.48 -2.83
C LEU B 249 7.63 -36.81 -3.59
N LEU B 250 7.71 -37.94 -2.88
CA LEU B 250 7.65 -39.26 -3.49
C LEU B 250 6.24 -39.59 -3.98
N LYS B 251 5.22 -38.90 -3.41
CA LYS B 251 3.85 -39.07 -3.86
C LYS B 251 3.54 -38.13 -5.03
N GLY B 252 4.53 -37.34 -5.47
CA GLY B 252 4.29 -36.38 -6.52
C GLY B 252 4.35 -37.05 -7.90
N ASP B 253 4.21 -36.23 -8.95
CA ASP B 253 4.33 -36.68 -10.33
C ASP B 253 5.81 -36.87 -10.66
N LYS B 254 6.11 -37.08 -11.95
CA LYS B 254 7.45 -37.41 -12.42
C LYS B 254 8.40 -36.24 -12.18
N SER B 255 8.00 -35.04 -12.62
CA SER B 255 8.78 -33.83 -12.48
C SER B 255 9.15 -33.59 -11.01
N VAL B 256 8.24 -33.93 -10.10
CA VAL B 256 8.43 -33.70 -8.67
C VAL B 256 9.41 -34.72 -8.11
N ARG B 257 9.34 -35.96 -8.63
CA ARG B 257 10.27 -37.00 -8.22
C ARG B 257 11.66 -36.69 -8.79
N VAL B 258 11.72 -36.06 -9.95
CA VAL B 258 12.99 -35.64 -10.52
C VAL B 258 13.57 -34.55 -9.62
N MET B 259 12.76 -33.54 -9.28
CA MET B 259 13.18 -32.47 -8.39
C MET B 259 13.78 -33.07 -7.11
N ARG B 260 13.10 -34.06 -6.54
CA ARG B 260 13.64 -34.73 -5.36
C ARG B 260 15.04 -35.30 -5.65
N SER B 261 15.20 -35.96 -6.80
CA SER B 261 16.45 -36.62 -7.09
C SER B 261 17.57 -35.58 -7.19
N LEU B 262 17.24 -34.38 -7.71
CA LEU B 262 18.21 -33.30 -7.86
C LEU B 262 18.56 -32.64 -6.52
N LEU B 263 17.72 -32.82 -5.50
CA LEU B 263 18.10 -32.42 -4.15
C LEU B 263 19.20 -33.35 -3.68
N ALA B 264 18.97 -34.67 -3.83
CA ALA B 264 19.93 -35.68 -3.43
C ALA B 264 21.26 -35.49 -4.18
N ALA B 265 21.17 -35.04 -5.43
CA ALA B 265 22.34 -34.81 -6.26
C ALA B 265 23.13 -33.60 -5.75
N GLN B 266 22.45 -32.53 -5.35
CA GLN B 266 23.15 -31.41 -4.74
C GLN B 266 23.84 -31.83 -3.45
N GLN B 267 23.14 -32.65 -2.65
CA GLN B 267 23.68 -33.08 -1.39
C GLN B 267 24.97 -33.86 -1.61
N THR B 268 24.95 -34.76 -2.61
CA THR B 268 26.11 -35.62 -2.89
C THR B 268 27.25 -34.74 -3.40
N PHE B 269 26.91 -33.74 -4.20
CA PHE B 269 27.91 -32.79 -4.67
C PHE B 269 28.59 -32.11 -3.47
N VAL B 270 27.79 -31.58 -2.55
CA VAL B 270 28.33 -30.89 -1.37
C VAL B 270 29.17 -31.89 -0.58
N ASP B 271 28.69 -33.12 -0.44
CA ASP B 271 29.38 -34.16 0.30
C ASP B 271 30.80 -34.34 -0.24
N ARG B 272 30.94 -34.36 -1.56
CA ARG B 272 32.22 -34.57 -2.21
C ARG B 272 33.09 -33.33 -2.04
N LEU B 273 32.46 -32.15 -2.08
CA LEU B 273 33.15 -30.90 -1.90
C LEU B 273 33.73 -30.84 -0.49
N VAL B 274 32.96 -31.33 0.49
CA VAL B 274 33.41 -31.39 1.87
C VAL B 274 34.62 -32.33 1.98
N HIS B 275 34.55 -33.48 1.30
CA HIS B 275 35.63 -34.45 1.31
C HIS B 275 36.91 -33.80 0.76
N LEU B 276 36.74 -33.04 -0.32
CA LEU B 276 37.86 -32.34 -0.93
C LEU B 276 38.45 -31.30 0.02
N MET B 277 37.60 -30.45 0.61
CA MET B 277 38.10 -29.43 1.52
C MET B 277 38.88 -30.06 2.67
N LYS B 278 38.40 -31.21 3.18
CA LYS B 278 39.10 -31.89 4.27
C LYS B 278 40.51 -32.28 3.86
N ALA B 279 40.65 -32.85 2.65
CA ALA B 279 41.95 -33.21 2.09
C ALA B 279 42.85 -31.99 1.93
N VAL B 280 42.29 -30.88 1.42
CA VAL B 280 43.05 -29.67 1.19
C VAL B 280 43.51 -29.06 2.51
N GLN B 281 42.62 -29.03 3.50
CA GLN B 281 42.89 -28.40 4.78
C GLN B 281 43.85 -29.24 5.63
N ARG B 282 44.01 -30.53 5.30
CA ARG B 282 44.88 -31.40 6.08
C ARG B 282 46.21 -31.64 5.36
N GLU B 283 46.29 -31.21 4.09
CA GLU B 283 47.53 -31.25 3.34
C GLU B 283 48.63 -30.58 4.16
N SER B 284 49.75 -31.28 4.34
CA SER B 284 50.89 -30.75 5.08
C SER B 284 51.60 -29.69 4.25
N GLY B 285 51.79 -28.49 4.82
CA GLY B 285 52.57 -27.44 4.20
C GLY B 285 51.79 -26.13 4.09
N ASN B 286 52.23 -25.27 3.15
CA ASN B 286 51.77 -23.89 3.08
C ASN B 286 50.65 -23.74 2.05
N ARG B 287 50.12 -22.51 1.97
CA ARG B 287 48.94 -22.24 1.16
C ARG B 287 49.20 -22.61 -0.30
N LYS B 288 50.42 -22.34 -0.79
CA LYS B 288 50.77 -22.72 -2.16
C LYS B 288 50.61 -24.23 -2.36
N LYS B 289 51.12 -25.02 -1.41
CA LYS B 289 50.98 -26.47 -1.52
C LYS B 289 49.51 -26.87 -1.39
N LYS B 290 48.76 -26.24 -0.48
CA LYS B 290 47.34 -26.54 -0.34
C LYS B 290 46.60 -26.18 -1.64
N ASN B 291 46.93 -25.05 -2.27
CA ASN B 291 46.28 -24.64 -3.52
C ASN B 291 46.48 -25.69 -4.62
N GLU B 292 47.71 -26.20 -4.73
CA GLU B 292 48.04 -27.20 -5.73
C GLU B 292 47.21 -28.47 -5.51
N ARG B 293 47.06 -28.86 -4.24
CA ARG B 293 46.26 -30.03 -3.89
C ARG B 293 44.79 -29.79 -4.24
N LEU B 294 44.27 -28.60 -3.89
CA LEU B 294 42.91 -28.19 -4.23
C LEU B 294 42.69 -28.34 -5.73
N GLN B 295 43.63 -27.83 -6.53
CA GLN B 295 43.47 -27.81 -7.96
C GLN B 295 43.61 -29.21 -8.52
N ALA B 296 44.55 -30.00 -7.99
CA ALA B 296 44.76 -31.37 -8.47
C ALA B 296 43.50 -32.19 -8.25
N LEU B 297 42.95 -32.16 -7.03
CA LEU B 297 41.78 -32.97 -6.69
C LEU B 297 40.56 -32.57 -7.52
N LEU B 298 40.41 -31.26 -7.77
CA LEU B 298 39.29 -30.77 -8.56
C LEU B 298 39.41 -31.30 -9.99
N GLY B 299 40.65 -31.30 -10.52
CA GLY B 299 40.92 -31.63 -11.90
C GLY B 299 40.90 -33.13 -12.18
N ASP B 300 40.83 -33.93 -11.10
CA ASP B 300 40.66 -35.38 -11.17
C ASP B 300 39.18 -35.70 -10.98
N ASN B 301 38.44 -35.71 -12.08
CA ASN B 301 37.00 -35.92 -12.05
C ASN B 301 36.66 -37.38 -11.77
N GLU B 302 37.57 -38.30 -12.10
CA GLU B 302 37.40 -39.71 -11.85
C GLU B 302 37.24 -39.96 -10.36
N LYS B 303 38.15 -39.40 -9.54
CA LYS B 303 38.14 -39.64 -8.10
C LYS B 303 37.12 -38.74 -7.38
N MET B 304 37.08 -37.44 -7.71
CA MET B 304 36.38 -36.44 -6.90
C MET B 304 35.03 -36.05 -7.50
N ASN B 305 34.96 -35.95 -8.84
CA ASN B 305 33.70 -35.72 -9.55
C ASN B 305 33.16 -34.32 -9.26
N LEU B 306 34.01 -33.30 -9.43
CA LEU B 306 33.61 -31.93 -9.16
C LEU B 306 33.90 -31.00 -10.33
N SER B 307 34.73 -31.42 -11.30
CA SER B 307 34.98 -30.60 -12.48
C SER B 307 33.86 -30.77 -13.52
N ASP B 308 33.22 -31.95 -13.57
CA ASP B 308 32.19 -32.21 -14.56
C ASP B 308 31.13 -33.15 -14.00
N VAL B 309 29.91 -32.62 -13.89
CA VAL B 309 28.79 -33.35 -13.31
C VAL B 309 27.57 -33.00 -14.14
N GLU B 310 26.51 -33.81 -14.01
CA GLU B 310 25.22 -33.52 -14.60
C GLU B 310 24.65 -32.26 -13.95
N LEU B 311 23.95 -31.46 -14.76
CA LEU B 311 23.37 -30.19 -14.32
C LEU B 311 22.68 -30.38 -12.99
N ILE B 312 23.04 -29.56 -12.00
CA ILE B 312 22.30 -29.51 -10.75
C ILE B 312 22.08 -28.06 -10.38
N PRO B 313 21.03 -27.76 -9.59
CA PRO B 313 20.85 -26.41 -9.05
C PRO B 313 22.04 -26.08 -8.14
N LEU B 314 22.60 -24.88 -8.29
CA LEU B 314 23.57 -24.38 -7.33
C LEU B 314 22.84 -24.14 -6.01
N PRO B 315 23.17 -24.81 -4.89
CA PRO B 315 22.45 -24.62 -3.64
C PRO B 315 22.28 -23.15 -3.25
N LEU B 316 23.33 -22.36 -3.51
CA LEU B 316 23.39 -20.96 -3.11
C LEU B 316 22.41 -20.09 -3.89
N GLU B 317 22.08 -20.50 -5.12
CA GLU B 317 21.14 -19.79 -5.97
C GLU B 317 20.55 -20.79 -6.95
N PRO B 318 19.51 -21.55 -6.55
CA PRO B 318 19.07 -22.72 -7.31
C PRO B 318 18.56 -22.44 -8.72
N GLN B 319 18.26 -21.17 -9.02
CA GLN B 319 17.86 -20.78 -10.37
C GLN B 319 19.01 -20.99 -11.34
N VAL B 320 20.26 -20.88 -10.84
CA VAL B 320 21.46 -21.12 -11.64
C VAL B 320 21.78 -22.62 -11.58
N LYS B 321 21.96 -23.24 -12.76
CA LYS B 321 22.36 -24.64 -12.84
C LYS B 321 23.86 -24.68 -13.13
N ILE B 322 24.54 -25.67 -12.54
CA ILE B 322 25.99 -25.76 -12.67
C ILE B 322 26.35 -27.17 -13.11
N ARG B 323 27.53 -27.29 -13.75
CA ARG B 323 28.00 -28.56 -14.28
C ARG B 323 29.41 -28.86 -13.79
N GLY B 324 29.83 -28.17 -12.73
CA GLY B 324 31.11 -28.44 -12.09
C GLY B 324 31.86 -27.16 -11.69
N ILE B 325 33.10 -27.37 -11.21
CA ILE B 325 33.97 -26.31 -10.75
C ILE B 325 35.21 -26.30 -11.64
N ILE B 326 35.67 -25.09 -11.99
CA ILE B 326 36.86 -24.90 -12.79
C ILE B 326 38.08 -25.18 -11.91
N PRO B 327 38.84 -26.27 -12.17
CA PRO B 327 39.98 -26.66 -11.34
C PRO B 327 41.06 -25.60 -11.19
N GLU B 328 41.41 -24.93 -12.28
CA GLU B 328 42.66 -24.18 -12.33
C GLU B 328 42.53 -22.79 -11.69
N THR B 329 41.32 -22.32 -11.36
CA THR B 329 41.19 -21.01 -10.72
C THR B 329 40.82 -21.10 -9.24
N ALA B 330 40.78 -22.31 -8.67
CA ALA B 330 40.39 -22.49 -7.28
C ALA B 330 41.58 -22.22 -6.37
N THR B 331 41.41 -21.34 -5.36
CA THR B 331 42.45 -21.08 -4.39
C THR B 331 41.84 -20.82 -3.02
N LEU B 332 42.66 -21.02 -1.99
CA LEU B 332 42.29 -20.70 -0.63
C LEU B 332 42.47 -19.20 -0.38
N PHE B 333 41.57 -18.63 0.43
CA PHE B 333 41.83 -17.34 1.04
C PHE B 333 42.98 -17.54 2.02
N LYS B 334 43.49 -16.45 2.59
CA LYS B 334 44.65 -16.50 3.45
C LYS B 334 44.27 -16.61 4.92
N SER B 335 42.97 -16.62 5.23
CA SER B 335 42.51 -16.69 6.61
C SER B 335 42.74 -18.10 7.17
N ALA B 336 42.75 -18.18 8.51
CA ALA B 336 43.20 -19.36 9.25
C ALA B 336 42.33 -20.58 8.99
N LEU B 337 41.03 -20.38 8.74
CA LEU B 337 40.11 -21.50 8.62
C LEU B 337 40.04 -22.01 7.18
N MET B 338 40.83 -21.42 6.28
CA MET B 338 41.15 -22.00 4.97
C MET B 338 39.88 -22.18 4.13
N PRO B 339 39.05 -21.12 3.93
CA PRO B 339 37.95 -21.18 2.96
C PRO B 339 38.52 -21.08 1.55
N ALA B 340 37.77 -21.60 0.58
CA ALA B 340 38.16 -21.63 -0.81
C ALA B 340 37.29 -20.68 -1.67
N GLN B 341 37.93 -20.05 -2.67
CA GLN B 341 37.21 -19.44 -3.77
C GLN B 341 37.12 -20.46 -4.90
N LEU B 342 35.89 -20.71 -5.36
CA LEU B 342 35.61 -21.70 -6.37
C LEU B 342 34.75 -21.07 -7.45
N PHE B 343 35.12 -21.26 -8.72
CA PHE B 343 34.35 -20.76 -9.85
C PHE B 343 33.55 -21.90 -10.45
N PHE B 344 32.22 -21.81 -10.28
CA PHE B 344 31.30 -22.80 -10.82
C PHE B 344 31.08 -22.55 -12.31
N LYS B 345 30.89 -23.65 -13.06
CA LYS B 345 30.49 -23.58 -14.46
C LYS B 345 28.97 -23.59 -14.55
N THR B 346 28.40 -22.50 -15.09
CA THR B 346 26.96 -22.37 -15.23
C THR B 346 26.50 -22.99 -16.55
N GLU B 347 25.21 -23.30 -16.63
CA GLU B 347 24.57 -23.91 -17.79
C GLU B 347 25.02 -23.22 -19.08
N ASP B 348 24.95 -21.89 -19.12
CA ASP B 348 25.17 -21.13 -20.34
C ASP B 348 26.66 -20.88 -20.60
N GLY B 349 27.53 -21.73 -20.05
CA GLY B 349 28.96 -21.63 -20.29
C GLY B 349 29.63 -20.48 -19.52
N GLY B 350 28.91 -19.84 -18.60
CA GLY B 350 29.46 -18.77 -17.78
C GLY B 350 30.08 -19.31 -16.48
N LYS B 351 30.51 -18.39 -15.61
CA LYS B 351 31.11 -18.73 -14.32
C LYS B 351 30.40 -18.01 -13.17
N TYR B 352 30.39 -18.67 -12.01
CA TYR B 352 29.77 -18.13 -10.80
C TYR B 352 30.73 -18.34 -9.64
N PRO B 353 31.48 -17.32 -9.21
CA PRO B 353 32.41 -17.48 -8.09
C PRO B 353 31.67 -17.51 -6.76
N VAL B 354 32.12 -18.43 -5.88
CA VAL B 354 31.64 -18.53 -4.52
C VAL B 354 32.82 -18.61 -3.57
N ILE B 355 32.53 -18.34 -2.30
CA ILE B 355 33.35 -18.76 -1.19
C ILE B 355 32.69 -20.01 -0.63
N PHE B 356 33.50 -21.05 -0.39
CA PHE B 356 33.02 -22.23 0.33
C PHE B 356 33.86 -22.34 1.60
N LYS B 357 33.19 -22.13 2.74
CA LYS B 357 33.82 -22.27 4.04
C LYS B 357 33.61 -23.70 4.54
N HIS B 358 34.64 -24.24 5.20
CA HIS B 358 34.56 -25.56 5.78
C HIS B 358 35.31 -25.52 7.10
N GLY B 359 34.59 -25.83 8.19
CA GLY B 359 35.09 -25.64 9.56
C GLY B 359 34.76 -24.26 10.13
N ASP B 360 33.65 -23.69 9.67
CA ASP B 360 33.22 -22.34 10.04
C ASP B 360 31.69 -22.28 9.96
N ASP B 361 31.06 -21.63 10.95
CA ASP B 361 29.62 -21.56 11.03
C ASP B 361 29.14 -20.24 10.41
N LEU B 362 28.44 -20.33 9.28
CA LEU B 362 27.99 -19.19 8.50
C LEU B 362 26.63 -18.68 8.95
N ARG B 363 26.00 -19.30 9.97
CA ARG B 363 24.59 -19.08 10.20
C ARG B 363 24.26 -17.63 10.58
N GLN B 364 25.15 -16.95 11.30
CA GLN B 364 24.90 -15.56 11.65
C GLN B 364 24.96 -14.68 10.40
N ASP B 365 25.95 -14.93 9.52
CA ASP B 365 26.03 -14.20 8.27
C ASP B 365 24.79 -14.52 7.43
N GLN B 366 24.34 -15.78 7.48
CA GLN B 366 23.21 -16.19 6.67
C GLN B 366 21.97 -15.38 7.07
N LEU B 367 21.75 -15.24 8.39
CA LEU B 367 20.60 -14.48 8.89
C LEU B 367 20.70 -13.04 8.42
N ILE B 368 21.87 -12.43 8.60
CA ILE B 368 22.01 -11.01 8.37
C ILE B 368 21.82 -10.71 6.89
N LEU B 369 22.36 -11.56 6.01
CA LEU B 369 22.23 -11.25 4.61
C LEU B 369 20.82 -11.54 4.11
N GLN B 370 20.11 -12.45 4.78
CA GLN B 370 18.69 -12.64 4.51
C GLN B 370 17.87 -11.42 4.94
N ILE B 371 18.23 -10.79 6.06
CA ILE B 371 17.57 -9.58 6.50
C ILE B 371 17.94 -8.41 5.60
N ILE B 372 19.20 -8.31 5.19
CA ILE B 372 19.61 -7.21 4.34
C ILE B 372 18.88 -7.30 3.01
N SER B 373 18.73 -8.53 2.49
CA SER B 373 17.98 -8.81 1.27
C SER B 373 16.52 -8.37 1.43
N LEU B 374 15.91 -8.74 2.55
CA LEU B 374 14.56 -8.30 2.87
C LEU B 374 14.49 -6.78 2.89
N MET B 375 15.44 -6.12 3.54
CA MET B 375 15.39 -4.68 3.66
C MET B 375 15.51 -4.02 2.28
N ASP B 376 16.42 -4.53 1.45
CA ASP B 376 16.56 -4.00 0.10
C ASP B 376 15.24 -4.13 -0.68
N LYS B 377 14.60 -5.29 -0.58
CA LYS B 377 13.35 -5.55 -1.29
C LYS B 377 12.26 -4.58 -0.85
N LEU B 378 12.19 -4.30 0.46
CA LEU B 378 11.18 -3.42 1.02
C LEU B 378 11.38 -2.00 0.50
N LEU B 379 12.64 -1.55 0.51
CA LEU B 379 13.04 -0.25 -0.02
C LEU B 379 12.70 -0.16 -1.51
N ARG B 380 13.02 -1.21 -2.28
CA ARG B 380 12.77 -1.21 -3.72
C ARG B 380 11.27 -1.15 -4.01
N LYS B 381 10.48 -1.88 -3.23
CA LYS B 381 9.02 -1.83 -3.30
C LYS B 381 8.53 -0.39 -3.13
N GLU B 382 9.18 0.43 -2.30
CA GLU B 382 8.81 1.83 -2.11
C GLU B 382 9.54 2.73 -3.11
N ASN B 383 9.99 2.18 -4.24
CA ASN B 383 10.64 2.94 -5.29
CA ASN B 383 10.64 2.94 -5.29
C ASN B 383 11.94 3.56 -4.78
N LEU B 384 12.61 2.89 -3.84
CA LEU B 384 13.91 3.37 -3.41
C LEU B 384 14.97 2.28 -3.61
N ASP B 385 15.77 2.45 -4.66
CA ASP B 385 16.86 1.53 -4.97
C ASP B 385 18.17 2.17 -4.54
N LEU B 386 18.75 1.73 -3.41
CA LEU B 386 19.97 2.35 -2.91
C LEU B 386 21.23 1.56 -3.30
N LYS B 387 21.13 0.77 -4.38
CA LYS B 387 22.29 0.09 -4.97
C LYS B 387 23.02 -0.74 -3.92
N LEU B 388 22.26 -1.54 -3.16
CA LEU B 388 22.81 -2.39 -2.13
C LEU B 388 23.33 -3.68 -2.75
N THR B 389 24.09 -4.45 -1.96
CA THR B 389 24.71 -5.69 -2.43
C THR B 389 24.35 -6.81 -1.45
N PRO B 390 23.08 -7.26 -1.44
CA PRO B 390 22.68 -8.41 -0.62
C PRO B 390 23.18 -9.73 -1.23
N TYR B 391 24.46 -10.02 -1.06
CA TYR B 391 25.04 -11.22 -1.64
C TYR B 391 24.42 -12.43 -0.94
N LYS B 392 24.27 -13.53 -1.66
CA LYS B 392 23.67 -14.73 -1.09
C LYS B 392 24.66 -15.43 -0.17
N VAL B 393 24.09 -16.07 0.86
CA VAL B 393 24.82 -16.84 1.85
C VAL B 393 23.94 -18.03 2.19
N LEU B 394 24.47 -19.25 2.07
CA LEU B 394 23.71 -20.43 2.45
C LEU B 394 24.60 -21.42 3.19
N ALA B 395 24.20 -21.71 4.43
CA ALA B 395 24.78 -22.79 5.20
C ALA B 395 24.33 -24.14 4.62
N THR B 396 25.29 -25.04 4.42
CA THR B 396 25.01 -26.40 3.99
C THR B 396 25.19 -27.36 5.17
N SER B 397 25.72 -26.84 6.27
CA SER B 397 25.75 -27.53 7.54
C SER B 397 26.03 -26.50 8.62
N THR B 398 26.11 -26.91 9.90
CA THR B 398 26.48 -25.96 10.93
C THR B 398 27.95 -25.54 10.71
N LYS B 399 28.72 -26.28 9.88
CA LYS B 399 30.16 -26.11 9.78
C LYS B 399 30.64 -25.86 8.35
N HIS B 400 29.73 -25.77 7.38
CA HIS B 400 30.16 -25.37 6.05
C HIS B 400 29.02 -24.68 5.32
N GLY B 401 29.41 -23.97 4.25
CA GLY B 401 28.43 -23.40 3.34
C GLY B 401 29.05 -22.42 2.37
N PHE B 402 28.16 -21.78 1.61
CA PHE B 402 28.49 -20.98 0.45
C PHE B 402 28.14 -19.52 0.69
N MET B 403 28.95 -18.66 0.07
CA MET B 403 28.70 -17.24 -0.03
C MET B 403 28.88 -16.85 -1.49
N GLN B 404 28.07 -15.92 -1.97
CA GLN B 404 28.19 -15.43 -3.32
C GLN B 404 29.30 -14.40 -3.39
N PHE B 405 30.30 -14.64 -4.25
CA PHE B 405 31.48 -13.81 -4.31
C PHE B 405 31.22 -12.66 -5.29
N ILE B 406 31.33 -11.42 -4.80
CA ILE B 406 31.03 -10.23 -5.58
C ILE B 406 32.35 -9.55 -5.97
N GLN B 407 32.50 -9.28 -7.27
CA GLN B 407 33.68 -8.57 -7.75
C GLN B 407 33.77 -7.23 -7.05
N SER B 408 34.90 -6.97 -6.40
CA SER B 408 35.00 -5.86 -5.48
C SER B 408 36.43 -5.73 -4.99
N VAL B 409 36.67 -4.64 -4.25
CA VAL B 409 37.96 -4.37 -3.64
C VAL B 409 37.71 -3.85 -2.24
N PRO B 410 38.38 -4.38 -1.19
CA PRO B 410 38.33 -3.79 0.15
C PRO B 410 38.84 -2.36 0.19
N VAL B 411 38.23 -1.53 1.03
CA VAL B 411 38.60 -0.13 1.08
C VAL B 411 40.03 0.00 1.59
N ALA B 412 40.45 -0.90 2.50
CA ALA B 412 41.83 -0.90 2.96
C ALA B 412 42.78 -1.06 1.78
N GLU B 413 42.43 -1.95 0.85
CA GLU B 413 43.26 -2.19 -0.33
C GLU B 413 43.20 -0.97 -1.25
N VAL B 414 42.03 -0.33 -1.33
CA VAL B 414 41.84 0.82 -2.18
C VAL B 414 42.72 1.96 -1.68
N LEU B 415 42.71 2.21 -0.36
CA LEU B 415 43.57 3.24 0.22
C LEU B 415 45.04 2.96 -0.08
N ASP B 416 45.42 1.69 -0.05
CA ASP B 416 46.81 1.28 -0.19
C ASP B 416 47.29 1.43 -1.64
N THR B 417 46.41 1.24 -2.62
CA THR B 417 46.82 1.24 -4.01
C THR B 417 46.61 2.61 -4.64
N GLU B 418 45.61 3.38 -4.20
CA GLU B 418 45.20 4.60 -4.90
C GLU B 418 45.22 5.81 -3.99
N GLY B 419 45.31 5.61 -2.67
CA GLY B 419 45.41 6.72 -1.74
C GLY B 419 44.07 7.13 -1.14
N SER B 420 42.99 6.96 -1.90
CA SER B 420 41.67 7.42 -1.45
C SER B 420 40.59 6.81 -2.34
N ILE B 421 39.36 6.79 -1.81
CA ILE B 421 38.21 6.34 -2.56
C ILE B 421 38.02 7.26 -3.77
N GLN B 422 38.22 8.57 -3.59
CA GLN B 422 38.08 9.52 -4.70
C GLN B 422 39.05 9.16 -5.82
N ASN B 423 40.33 8.94 -5.50
CA ASN B 423 41.31 8.63 -6.53
C ASN B 423 40.95 7.37 -7.29
N PHE B 424 40.42 6.38 -6.56
CA PHE B 424 40.07 5.10 -7.16
C PHE B 424 38.95 5.33 -8.17
N PHE B 425 37.95 6.14 -7.79
CA PHE B 425 36.85 6.46 -8.68
C PHE B 425 37.35 7.24 -9.89
N ARG B 426 38.21 8.25 -9.70
CA ARG B 426 38.76 9.00 -10.82
C ARG B 426 39.47 8.08 -11.81
N LYS B 427 40.17 7.07 -11.29
CA LYS B 427 40.93 6.16 -12.12
C LYS B 427 40.00 5.31 -12.99
N TYR B 428 38.92 4.75 -12.41
CA TYR B 428 38.13 3.77 -13.15
C TYR B 428 36.82 4.36 -13.64
N ALA B 429 36.48 5.59 -13.25
CA ALA B 429 35.30 6.25 -13.79
C ALA B 429 35.51 7.75 -13.93
N PRO B 430 36.52 8.21 -14.72
CA PRO B 430 36.77 9.63 -14.89
C PRO B 430 35.62 10.28 -15.65
N SER B 431 35.30 11.52 -15.25
CA SER B 431 34.31 12.35 -15.91
C SER B 431 34.79 13.79 -15.84
N GLU B 432 34.85 14.47 -16.98
CA GLU B 432 35.35 15.83 -17.02
C GLU B 432 34.39 16.75 -16.26
N ASN B 433 33.09 16.51 -16.41
CA ASN B 433 32.07 17.39 -15.86
C ASN B 433 31.43 16.77 -14.61
N GLY B 434 31.96 15.65 -14.12
CA GLY B 434 31.38 14.99 -12.95
C GLY B 434 31.93 15.59 -11.65
N PRO B 435 31.31 15.28 -10.49
CA PRO B 435 31.80 15.79 -9.20
C PRO B 435 33.20 15.30 -8.87
N ASN B 436 34.14 16.24 -8.71
CA ASN B 436 35.54 15.94 -8.45
C ASN B 436 36.10 15.03 -9.54
N GLY B 437 35.66 15.23 -10.77
CA GLY B 437 36.20 14.50 -11.91
C GLY B 437 35.73 13.05 -11.96
N ILE B 438 34.60 12.73 -11.29
CA ILE B 438 34.09 11.37 -11.23
C ILE B 438 32.72 11.31 -11.90
N SER B 439 32.47 10.18 -12.60
CA SER B 439 31.18 9.87 -13.20
C SER B 439 30.04 10.15 -12.22
N ALA B 440 29.03 10.89 -12.67
CA ALA B 440 27.87 11.18 -11.85
C ALA B 440 27.15 9.89 -11.46
N GLU B 441 27.08 8.94 -12.39
CA GLU B 441 26.39 7.69 -12.15
C GLU B 441 27.08 6.94 -11.01
N VAL B 442 28.42 6.93 -11.04
CA VAL B 442 29.21 6.21 -10.07
C VAL B 442 29.09 6.87 -8.70
N MET B 443 29.16 8.21 -8.65
CA MET B 443 29.07 8.95 -7.39
C MET B 443 27.66 8.82 -6.81
N ASP B 444 26.65 8.82 -7.67
CA ASP B 444 25.28 8.65 -7.25
C ASP B 444 25.10 7.26 -6.62
N THR B 445 25.70 6.24 -7.23
CA THR B 445 25.65 4.88 -6.70
C THR B 445 26.32 4.82 -5.32
N TYR B 446 27.45 5.52 -5.18
CA TYR B 446 28.20 5.55 -3.94
C TYR B 446 27.41 6.23 -2.82
N VAL B 447 26.79 7.38 -3.13
CA VAL B 447 26.06 8.13 -2.14
C VAL B 447 24.89 7.29 -1.63
N LYS B 448 24.16 6.68 -2.57
CA LYS B 448 23.01 5.86 -2.23
C LYS B 448 23.44 4.65 -1.39
N SER B 449 24.47 3.93 -1.83
CA SER B 449 24.84 2.70 -1.15
C SER B 449 25.38 3.03 0.24
N CYS B 450 26.18 4.10 0.35
CA CYS B 450 26.60 4.62 1.64
C CYS B 450 25.41 4.87 2.56
N ALA B 451 24.38 5.56 2.04
CA ALA B 451 23.21 5.91 2.85
C ALA B 451 22.51 4.64 3.34
N GLY B 452 22.21 3.72 2.41
CA GLY B 452 21.50 2.49 2.75
C GLY B 452 22.25 1.66 3.81
N TYR B 453 23.58 1.56 3.69
CA TYR B 453 24.37 0.76 4.60
C TYR B 453 24.50 1.47 5.94
N CYS B 454 24.57 2.80 5.93
CA CYS B 454 24.59 3.58 7.16
C CYS B 454 23.36 3.25 7.99
N VAL B 455 22.17 3.28 7.37
CA VAL B 455 20.92 3.04 8.07
C VAL B 455 20.80 1.58 8.48
N ILE B 456 21.13 0.66 7.56
CA ILE B 456 20.95 -0.76 7.82
C ILE B 456 21.91 -1.26 8.90
N THR B 457 23.19 -0.86 8.86
CA THR B 457 24.16 -1.32 9.86
C THR B 457 23.85 -0.66 11.21
N TYR B 458 23.27 0.54 11.17
CA TYR B 458 22.77 1.19 12.38
C TYR B 458 21.64 0.37 13.00
N ILE B 459 20.64 -0.02 12.20
CA ILE B 459 19.52 -0.78 12.76
C ILE B 459 19.99 -2.14 13.28
N LEU B 460 20.88 -2.82 12.56
CA LEU B 460 21.32 -4.16 12.94
C LEU B 460 22.50 -4.12 13.90
N GLY B 461 23.03 -2.93 14.22
CA GLY B 461 24.04 -2.77 15.25
C GLY B 461 25.32 -3.51 14.92
N VAL B 462 25.72 -3.44 13.64
CA VAL B 462 26.83 -4.22 13.13
C VAL B 462 28.13 -3.61 13.65
N GLY B 463 28.95 -4.43 14.31
CA GLY B 463 30.24 -4.01 14.84
C GLY B 463 31.41 -4.53 14.01
N ASP B 464 32.63 -4.28 14.49
CA ASP B 464 33.85 -4.79 13.88
C ASP B 464 34.00 -4.24 12.46
N ARG B 465 33.81 -2.91 12.31
CA ARG B 465 33.80 -2.25 11.01
C ARG B 465 35.18 -1.71 10.63
N HIS B 466 36.12 -2.58 10.30
CA HIS B 466 37.41 -2.13 9.80
C HIS B 466 37.37 -2.13 8.27
N LEU B 467 38.43 -1.59 7.66
CA LEU B 467 38.41 -1.27 6.24
C LEU B 467 38.63 -2.50 5.37
N ASP B 468 38.88 -3.67 5.96
CA ASP B 468 38.82 -4.91 5.20
C ASP B 468 37.37 -5.42 5.09
N ASN B 469 36.45 -4.92 5.91
CA ASN B 469 35.05 -5.35 5.94
C ASN B 469 34.11 -4.38 5.21
N LEU B 470 34.70 -3.34 4.62
CA LEU B 470 34.01 -2.39 3.78
C LEU B 470 34.54 -2.52 2.36
N LEU B 471 33.69 -2.88 1.40
CA LEU B 471 34.12 -3.24 0.05
C LEU B 471 33.54 -2.23 -0.95
N LEU B 472 34.24 -2.08 -2.09
CA LEU B 472 33.92 -1.10 -3.11
C LEU B 472 33.92 -1.77 -4.49
N THR B 473 33.03 -1.33 -5.38
CA THR B 473 33.11 -1.74 -6.78
C THR B 473 33.41 -0.52 -7.63
N LYS B 474 33.81 -0.78 -8.88
CA LYS B 474 34.20 0.26 -9.81
C LYS B 474 32.97 1.02 -10.32
N THR B 475 31.78 0.44 -10.13
CA THR B 475 30.52 1.07 -10.51
C THR B 475 30.04 2.03 -9.41
N GLY B 476 30.72 2.06 -8.25
CA GLY B 476 30.41 3.00 -7.19
C GLY B 476 29.78 2.36 -5.95
N LYS B 477 29.44 1.07 -6.01
CA LYS B 477 28.76 0.45 -4.88
C LYS B 477 29.71 0.28 -3.71
N LEU B 478 29.29 0.76 -2.53
CA LEU B 478 29.91 0.40 -1.27
C LEU B 478 29.00 -0.59 -0.54
N PHE B 479 29.60 -1.58 0.11
CA PHE B 479 28.80 -2.54 0.87
C PHE B 479 29.64 -3.15 1.98
N HIS B 480 28.94 -3.75 2.94
CA HIS B 480 29.54 -4.32 4.13
C HIS B 480 29.57 -5.85 4.01
N ILE B 481 30.59 -6.44 4.63
CA ILE B 481 30.70 -7.88 4.78
C ILE B 481 31.02 -8.21 6.23
N ASP B 482 30.91 -9.52 6.53
CA ASP B 482 31.41 -10.14 7.75
C ASP B 482 30.60 -9.65 8.94
N PHE B 483 29.56 -10.40 9.29
CA PHE B 483 28.61 -9.96 10.30
C PHE B 483 28.80 -10.80 11.56
N GLY B 484 30.07 -10.91 12.01
CA GLY B 484 30.41 -11.65 13.21
C GLY B 484 30.03 -10.92 14.50
N TYR B 485 29.84 -9.60 14.44
CA TYR B 485 29.41 -8.80 15.58
C TYR B 485 28.18 -7.99 15.20
N ILE B 486 27.02 -8.30 15.79
CA ILE B 486 25.78 -7.60 15.50
C ILE B 486 25.09 -7.20 16.80
N LEU B 487 24.03 -6.38 16.67
CA LEU B 487 23.12 -6.06 17.76
C LEU B 487 23.87 -5.36 18.90
N GLY B 488 24.84 -4.49 18.55
CA GLY B 488 25.51 -3.66 19.53
C GLY B 488 26.87 -4.21 19.96
N ARG B 489 27.13 -5.50 19.70
CA ARG B 489 28.38 -6.11 20.15
C ARG B 489 29.55 -5.63 19.30
N ASP B 490 30.73 -5.50 19.91
CA ASP B 490 31.89 -5.00 19.20
C ASP B 490 33.16 -5.50 19.88
N PRO B 491 34.26 -5.76 19.13
CA PRO B 491 35.50 -6.26 19.73
C PRO B 491 36.16 -5.28 20.70
N LYS B 492 35.77 -4.00 20.64
CA LYS B 492 36.32 -2.97 21.51
C LYS B 492 35.18 -2.30 22.27
N PRO B 493 35.46 -1.64 23.42
CA PRO B 493 34.41 -1.00 24.21
C PRO B 493 33.96 0.30 23.59
N LEU B 494 32.86 0.86 24.13
CA LEU B 494 32.35 2.16 23.73
C LEU B 494 32.13 2.23 22.21
N PRO B 495 31.44 1.23 21.59
CA PRO B 495 31.20 1.28 20.14
C PRO B 495 30.17 2.37 19.88
N PRO B 496 30.36 3.24 18.86
CA PRO B 496 29.45 4.36 18.63
C PRO B 496 28.11 3.86 18.09
N PRO B 497 27.00 4.62 18.28
CA PRO B 497 25.69 4.19 17.75
C PRO B 497 25.64 4.14 16.23
N MET B 498 26.52 4.92 15.57
CA MET B 498 26.57 4.95 14.12
C MET B 498 27.94 4.52 13.60
N LYS B 499 27.95 3.82 12.46
CA LYS B 499 29.14 3.14 11.94
C LYS B 499 29.59 3.78 10.63
N LEU B 500 30.19 4.97 10.77
CA LEU B 500 30.80 5.69 9.67
C LEU B 500 32.31 5.69 9.88
N ASN B 501 33.06 6.03 8.83
CA ASN B 501 34.45 6.41 9.00
C ASN B 501 34.79 7.57 8.08
N LYS B 502 35.93 8.21 8.37
CA LYS B 502 36.42 9.35 7.62
C LYS B 502 36.48 9.03 6.13
N GLU B 503 37.02 7.85 5.82
CA GLU B 503 37.35 7.51 4.44
C GLU B 503 36.08 7.49 3.60
N MET B 504 34.97 7.08 4.22
CA MET B 504 33.70 6.95 3.52
C MET B 504 33.18 8.35 3.16
N VAL B 505 33.30 9.27 4.12
CA VAL B 505 32.80 10.64 3.95
C VAL B 505 33.71 11.39 2.99
N GLU B 506 35.03 11.23 3.11
CA GLU B 506 35.99 11.79 2.15
C GLU B 506 35.65 11.31 0.73
N GLY B 507 35.24 10.04 0.58
CA GLY B 507 34.87 9.48 -0.72
C GLY B 507 33.72 10.26 -1.39
N MET B 508 32.87 10.90 -0.59
CA MET B 508 31.77 11.69 -1.12
C MET B 508 32.20 13.11 -1.50
N GLY B 509 33.39 13.51 -1.08
CA GLY B 509 33.86 14.87 -1.29
C GLY B 509 33.81 15.70 0.00
N GLY B 510 33.78 15.02 1.15
CA GLY B 510 33.84 15.70 2.43
C GLY B 510 32.49 16.30 2.81
N THR B 511 32.46 16.93 3.98
CA THR B 511 31.23 17.36 4.62
C THR B 511 30.67 18.62 3.95
N GLN B 512 31.41 19.23 3.02
CA GLN B 512 30.99 20.48 2.40
C GLN B 512 30.37 20.25 1.03
N SER B 513 30.35 19.00 0.55
CA SER B 513 29.89 18.70 -0.79
C SER B 513 28.36 18.60 -0.84
N GLU B 514 27.81 18.72 -2.05
CA GLU B 514 26.41 18.40 -2.30
C GLU B 514 26.14 16.92 -2.01
N GLN B 515 27.14 16.06 -2.25
CA GLN B 515 26.98 14.63 -2.12
C GLN B 515 26.63 14.26 -0.67
N TYR B 516 27.33 14.89 0.28
CA TYR B 516 27.10 14.66 1.70
C TYR B 516 25.68 15.07 2.07
N GLN B 517 25.13 16.13 1.45
CA GLN B 517 23.75 16.52 1.72
C GLN B 517 22.80 15.47 1.17
N GLU B 518 23.09 14.95 -0.02
CA GLU B 518 22.28 13.89 -0.61
C GLU B 518 22.38 12.60 0.21
N PHE B 519 23.57 12.33 0.74
CA PHE B 519 23.78 11.19 1.61
C PHE B 519 22.83 11.27 2.80
N ARG B 520 22.79 12.45 3.46
CA ARG B 520 21.97 12.63 4.65
C ARG B 520 20.49 12.43 4.31
N LYS B 521 20.03 13.00 3.21
CA LYS B 521 18.63 12.91 2.84
C LYS B 521 18.25 11.45 2.57
N GLN B 522 19.12 10.72 1.86
CA GLN B 522 18.85 9.32 1.58
C GLN B 522 18.78 8.52 2.88
N CYS B 523 19.65 8.86 3.86
CA CYS B 523 19.60 8.18 5.14
C CYS B 523 18.22 8.35 5.78
N TYR B 524 17.70 9.59 5.74
CA TYR B 524 16.45 9.96 6.40
C TYR B 524 15.31 9.19 5.75
N THR B 525 15.28 9.18 4.41
CA THR B 525 14.24 8.49 3.66
C THR B 525 14.29 6.99 3.95
N ALA B 526 15.51 6.41 3.95
CA ALA B 526 15.62 4.98 4.15
C ALA B 526 15.12 4.64 5.55
N PHE B 527 15.48 5.46 6.53
CA PHE B 527 15.10 5.21 7.91
C PHE B 527 13.58 5.22 8.06
N LEU B 528 12.95 6.25 7.46
CA LEU B 528 11.50 6.39 7.52
C LEU B 528 10.82 5.20 6.88
N HIS B 529 11.32 4.74 5.72
CA HIS B 529 10.74 3.60 5.03
C HIS B 529 10.87 2.32 5.87
N LEU B 530 12.04 2.05 6.46
CA LEU B 530 12.21 0.79 7.18
C LEU B 530 11.42 0.82 8.48
N ARG B 531 11.27 2.02 9.08
CA ARG B 531 10.42 2.16 10.25
C ARG B 531 9.01 1.66 9.97
N ARG B 532 8.50 1.93 8.77
CA ARG B 532 7.16 1.53 8.39
C ARG B 532 7.03 0.00 8.36
N TYR B 533 8.14 -0.73 8.16
CA TYR B 533 8.07 -2.19 8.13
C TYR B 533 8.56 -2.81 9.44
N SER B 534 8.44 -2.05 10.54
CA SER B 534 8.99 -2.48 11.82
C SER B 534 8.26 -3.70 12.37
N ASN B 535 6.94 -3.78 12.18
CA ASN B 535 6.17 -4.95 12.58
C ASN B 535 6.74 -6.23 11.96
N LEU B 536 6.92 -6.20 10.63
CA LEU B 536 7.47 -7.32 9.89
C LEU B 536 8.87 -7.68 10.38
N ILE B 537 9.77 -6.69 10.41
CA ILE B 537 11.16 -6.95 10.76
C ILE B 537 11.24 -7.53 12.17
N LEU B 538 10.49 -6.94 13.12
CA LEU B 538 10.50 -7.38 14.51
C LEU B 538 9.87 -8.76 14.66
N ASN B 539 8.76 -9.02 13.97
CA ASN B 539 8.16 -10.36 14.02
C ASN B 539 9.14 -11.39 13.46
N LEU B 540 9.93 -11.01 12.45
CA LEU B 540 10.92 -11.95 11.91
C LEU B 540 12.00 -12.22 12.96
N PHE B 541 12.51 -11.15 13.60
CA PHE B 541 13.53 -11.33 14.62
C PHE B 541 12.98 -12.14 15.78
N SER B 542 11.69 -11.97 16.13
CA SER B 542 11.10 -12.71 17.25
C SER B 542 11.09 -14.21 16.96
N LEU B 543 11.02 -14.59 15.67
CA LEU B 543 11.07 -16.01 15.33
C LEU B 543 12.49 -16.58 15.39
N MET B 544 13.51 -15.73 15.61
CA MET B 544 14.89 -16.19 15.65
C MET B 544 15.46 -16.28 17.06
N VAL B 545 14.66 -15.97 18.09
CA VAL B 545 15.22 -15.79 19.43
C VAL B 545 15.87 -17.08 19.95
N ASP B 546 15.38 -18.25 19.52
CA ASP B 546 15.87 -19.52 20.06
C ASP B 546 16.90 -20.15 19.11
N ALA B 547 17.32 -19.40 18.08
CA ALA B 547 18.24 -19.92 17.08
C ALA B 547 19.65 -20.02 17.65
N ASN B 548 20.43 -20.97 17.08
CA ASN B 548 21.79 -21.25 17.49
C ASN B 548 22.71 -20.33 16.70
N ILE B 549 22.58 -19.05 17.00
CA ILE B 549 23.28 -17.97 16.34
C ILE B 549 23.93 -17.16 17.45
N PRO B 550 25.27 -17.03 17.49
CA PRO B 550 25.97 -16.55 18.68
C PRO B 550 25.45 -15.25 19.28
N ASP B 551 25.27 -14.19 18.47
CA ASP B 551 24.95 -12.90 19.04
C ASP B 551 23.51 -12.87 19.52
N ILE B 552 22.68 -13.82 19.09
CA ILE B 552 21.32 -13.92 19.59
C ILE B 552 21.29 -14.77 20.87
N ALA B 553 21.99 -15.90 20.82
CA ALA B 553 22.03 -16.84 21.91
C ALA B 553 22.68 -16.22 23.15
N LEU B 554 23.46 -15.15 22.98
CA LEU B 554 24.04 -14.44 24.12
C LEU B 554 22.93 -13.91 25.02
N GLU B 555 21.86 -13.34 24.44
CA GLU B 555 20.79 -12.76 25.25
C GLU B 555 19.48 -12.89 24.50
N PRO B 556 18.87 -14.09 24.48
CA PRO B 556 17.69 -14.33 23.65
C PRO B 556 16.55 -13.34 23.87
N ASP B 557 16.21 -13.03 25.13
CA ASP B 557 15.02 -12.21 25.35
C ASP B 557 15.32 -10.72 25.30
N LYS B 558 16.56 -10.32 24.98
CA LYS B 558 16.89 -8.93 24.78
C LYS B 558 17.12 -8.62 23.30
N THR B 559 17.09 -9.66 22.45
CA THR B 559 17.52 -9.54 21.07
C THR B 559 16.62 -8.57 20.31
N VAL B 560 15.31 -8.77 20.38
CA VAL B 560 14.39 -8.01 19.56
C VAL B 560 14.44 -6.54 19.96
N LYS B 561 14.54 -6.29 21.28
CA LYS B 561 14.61 -4.94 21.82
C LYS B 561 15.80 -4.17 21.23
N LYS B 562 16.93 -4.85 21.03
CA LYS B 562 18.11 -4.18 20.51
C LYS B 562 17.88 -3.70 19.09
N VAL B 563 16.99 -4.37 18.35
CA VAL B 563 16.64 -3.91 17.01
C VAL B 563 15.58 -2.81 17.11
N GLN B 564 14.52 -3.09 17.88
CA GLN B 564 13.41 -2.16 18.04
C GLN B 564 13.87 -0.77 18.51
N ASP B 565 14.79 -0.71 19.47
CA ASP B 565 15.26 0.57 19.99
C ASP B 565 15.70 1.47 18.84
N LYS B 566 16.35 0.88 17.83
CA LYS B 566 17.00 1.67 16.78
C LYS B 566 15.99 2.36 15.88
N PHE B 567 14.76 1.80 15.77
CA PHE B 567 13.70 2.39 14.98
C PHE B 567 13.12 3.65 15.64
N ARG B 568 13.37 3.87 16.94
CA ARG B 568 12.82 5.01 17.67
C ARG B 568 11.33 5.15 17.38
N LEU B 569 10.57 4.10 17.71
CA LEU B 569 9.15 4.04 17.36
C LEU B 569 8.34 5.01 18.23
N ASP B 570 8.91 5.43 19.36
CA ASP B 570 8.37 6.48 20.21
C ASP B 570 8.30 7.83 19.49
N LEU B 571 9.02 7.98 18.35
CA LEU B 571 9.17 9.25 17.66
C LEU B 571 8.33 9.30 16.39
N SER B 572 7.75 10.48 16.11
CA SER B 572 7.09 10.75 14.85
C SER B 572 8.11 10.70 13.72
N ASP B 573 7.62 10.69 12.48
CA ASP B 573 8.51 10.82 11.34
C ASP B 573 9.41 12.04 11.47
N GLU B 574 8.81 13.18 11.88
CA GLU B 574 9.54 14.44 11.91
C GLU B 574 10.63 14.40 12.98
N GLU B 575 10.31 13.80 14.14
CA GLU B 575 11.26 13.66 15.24
C GLU B 575 12.37 12.67 14.89
N ALA B 576 12.03 11.63 14.11
CA ALA B 576 12.95 10.55 13.75
C ALA B 576 14.02 11.08 12.80
N VAL B 577 13.61 11.94 11.85
CA VAL B 577 14.52 12.60 10.94
C VAL B 577 15.50 13.47 11.74
N HIS B 578 14.97 14.34 12.61
CA HIS B 578 15.80 15.19 13.45
C HIS B 578 16.76 14.33 14.27
N TYR B 579 16.29 13.20 14.80
CA TYR B 579 17.15 12.31 15.58
C TYR B 579 18.28 11.75 14.71
N MET B 580 17.93 11.27 13.50
CA MET B 580 18.88 10.65 12.59
C MET B 580 19.94 11.67 12.20
N GLN B 581 19.50 12.89 11.86
CA GLN B 581 20.39 14.00 11.55
C GLN B 581 21.38 14.24 12.68
N SER B 582 20.89 14.22 13.93
CA SER B 582 21.73 14.40 15.10
C SER B 582 22.78 13.30 15.23
N LEU B 583 22.39 12.05 14.95
CA LEU B 583 23.32 10.94 15.00
C LEU B 583 24.41 11.14 13.97
N ILE B 584 24.02 11.54 12.75
CA ILE B 584 25.01 11.67 11.68
C ILE B 584 25.97 12.82 12.01
N ASP B 585 25.41 13.98 12.40
CA ASP B 585 26.23 15.12 12.78
C ASP B 585 27.24 14.73 13.85
N GLU B 586 26.75 14.15 14.95
CA GLU B 586 27.58 13.70 16.07
C GLU B 586 28.69 12.78 15.56
N SER B 587 28.31 11.79 14.76
CA SER B 587 29.26 10.76 14.33
C SER B 587 30.38 11.41 13.51
N VAL B 588 29.97 12.22 12.52
CA VAL B 588 30.90 12.78 11.57
C VAL B 588 31.78 13.81 12.27
N HIS B 589 31.23 14.53 13.25
CA HIS B 589 32.03 15.50 13.96
C HIS B 589 33.16 14.77 14.71
N ALA B 590 32.82 13.68 15.40
CA ALA B 590 33.83 12.91 16.12
C ALA B 590 34.88 12.38 15.15
N LEU B 591 34.44 11.87 14.00
CA LEU B 591 35.34 11.31 13.00
C LEU B 591 36.43 12.32 12.63
N PHE B 592 36.05 13.57 12.31
CA PHE B 592 37.00 14.60 11.93
C PHE B 592 37.56 15.31 13.17
N ALA B 593 37.78 14.53 14.24
CA ALA B 593 38.60 14.91 15.38
C ALA B 593 38.05 16.19 16.02
#